data_4OAL
#
_entry.id   4OAL
#
_cell.length_a   112.660
_cell.length_b   112.620
_cell.length_c   203.040
_cell.angle_alpha   90.00
_cell.angle_beta   90.00
_cell.angle_gamma   90.00
#
_symmetry.space_group_name_H-M   'C 2 2 21'
#
loop_
_entity.id
_entity.type
_entity.pdbx_description
1 polymer 'Cytokinin dehydrogenase 4'
2 non-polymer 'FLAVIN-ADENINE DINUCLEOTIDE'
3 non-polymer 1-(2-chloropyridin-4-yl)-3-phenylurea
4 non-polymer 'DIMETHYL SULFOXIDE'
5 water water
#
_entity_poly.entity_id   1
_entity_poly.type   'polypeptide(L)'
_entity_poly.pdbx_seq_one_letter_code
;AGHMLPVEPPAELLQLGGGDVGGGRLSVDASDIAEASRDFGGVARAEPMAVFHPRAAGDVAGLVGAAFRSARGFRVSARG
HGHSISGQAQAAGGVVVDMSRGRGPGAAVARALPVHSAALGGHYVDVWGGELWVDVLNWTLSHGGLAPRSWTDYLYLSVG
GTLSNAGISGQAFHHGPQISNVYELDVVTGKGEVVTCSETENPDLFFGVLGGLGQFGIITRARIALERAPKRVRWIRALY
SNFSEFTADQERLISLGSGGGRRFDYVEGFVVAAEGLINNWRSSFFSPQNPVKLTSLKHHSSVLYCLEVTKNYDDETAGS
VDQDVDTLLGELNFLPGTVFTTDLPYVDFLDRVHKAELKLRAKGMWEVPHPWLNLFVPASRIADFDRGVFRGVLGGRTAG
AGGPVLIYPMNKHKWDPRSSAVTPDEEVFYLVAFLRSALPGAPESLEALARQNQRILDFCAGTGIGAKQYLPGHKARHEW
AEHFGAARWDRFARLKAEFDPRAILAAGQGIFRPPGSPALAADS
;
_entity_poly.pdbx_strand_id   A,B
#
loop_
_chem_comp.id
_chem_comp.type
_chem_comp.name
_chem_comp.formula
245 non-polymer 1-(2-chloropyridin-4-yl)-3-phenylurea 'C12 H10 Cl N3 O'
DMS non-polymer 'DIMETHYL SULFOXIDE' 'C2 H6 O S'
FAD non-polymer 'FLAVIN-ADENINE DINUCLEOTIDE' 'C27 H33 N9 O15 P2'
#
# COMPACT_ATOMS: atom_id res chain seq x y z
N GLY A 23 -13.86 13.78 11.87
CA GLY A 23 -14.66 14.90 12.33
C GLY A 23 -14.09 16.26 11.94
N GLY A 24 -14.60 16.79 10.82
CA GLY A 24 -14.21 18.08 10.27
C GLY A 24 -15.02 19.25 10.81
N ARG A 25 -14.54 20.47 10.57
CA ARG A 25 -15.16 21.70 11.04
C ARG A 25 -15.56 22.66 9.91
N LEU A 26 -16.87 22.93 9.79
CA LEU A 26 -17.40 23.88 8.82
C LEU A 26 -17.35 25.26 9.50
N SER A 27 -16.77 26.25 8.83
CA SER A 27 -16.58 27.59 9.35
C SER A 27 -17.21 28.69 8.49
N VAL A 28 -17.83 29.67 9.16
CA VAL A 28 -18.43 30.86 8.55
C VAL A 28 -17.72 32.13 9.10
N ASP A 29 -16.55 31.95 9.74
CA ASP A 29 -15.73 33.05 10.24
C ASP A 29 -15.40 33.95 9.01
N ALA A 30 -15.73 35.26 9.11
CA ALA A 30 -15.53 36.24 8.03
C ALA A 30 -14.10 36.26 7.50
N SER A 31 -13.10 36.08 8.39
CA SER A 31 -11.69 36.03 8.03
C SER A 31 -11.39 34.79 7.16
N ASP A 32 -11.97 33.61 7.51
CA ASP A 32 -11.81 32.36 6.76
C ASP A 32 -12.48 32.51 5.38
N ILE A 33 -13.70 33.08 5.33
CA ILE A 33 -14.46 33.34 4.10
C ILE A 33 -13.65 34.29 3.19
N ALA A 34 -13.14 35.40 3.76
CA ALA A 34 -12.34 36.40 3.05
C ALA A 34 -11.10 35.78 2.41
N GLU A 35 -10.33 34.98 3.18
CA GLU A 35 -9.14 34.29 2.68
C GLU A 35 -9.48 33.32 1.54
N ALA A 36 -10.58 32.55 1.69
CA ALA A 36 -11.06 31.60 0.69
C ALA A 36 -11.68 32.28 -0.56
N SER A 37 -11.95 33.61 -0.48
CA SER A 37 -12.56 34.41 -1.54
C SER A 37 -11.51 35.21 -2.32
N ARG A 38 -10.23 34.98 -2.06
CA ARG A 38 -9.15 35.69 -2.74
C ARG A 38 -7.98 34.76 -3.05
N ASP A 39 -7.08 35.21 -3.92
CA ASP A 39 -5.85 34.50 -4.25
C ASP A 39 -4.73 35.50 -4.53
N PHE A 40 -3.54 35.00 -4.83
CA PHE A 40 -2.35 35.78 -5.14
C PHE A 40 -2.55 36.71 -6.35
N GLY A 41 -3.40 36.29 -7.30
CA GLY A 41 -3.79 37.09 -8.45
C GLY A 41 -4.36 38.44 -8.05
N GLY A 42 -5.16 38.45 -6.98
CA GLY A 42 -5.78 39.65 -6.42
C GLY A 42 -6.91 40.25 -7.24
N VAL A 43 -7.49 39.48 -8.17
CA VAL A 43 -8.57 39.93 -9.05
C VAL A 43 -9.87 39.15 -8.80
N ALA A 44 -9.86 37.80 -9.03
CA ALA A 44 -11.03 36.94 -8.83
C ALA A 44 -11.41 36.91 -7.34
N ARG A 45 -12.69 37.15 -7.04
CA ARG A 45 -13.17 37.22 -5.66
C ARG A 45 -14.50 36.51 -5.36
N ALA A 46 -14.75 35.36 -6.02
CA ALA A 46 -15.96 34.57 -5.79
C ALA A 46 -15.97 33.98 -4.36
N GLU A 47 -17.02 34.30 -3.59
CA GLU A 47 -17.17 33.90 -2.19
C GLU A 47 -17.86 32.55 -2.00
N PRO A 48 -17.33 31.67 -1.10
CA PRO A 48 -18.06 30.43 -0.79
C PRO A 48 -19.09 30.70 0.31
N MET A 49 -19.94 29.71 0.62
CA MET A 49 -20.93 29.80 1.71
CA MET A 49 -20.91 29.83 1.72
C MET A 49 -20.22 29.51 3.05
N ALA A 50 -19.20 28.61 3.01
CA ALA A 50 -18.42 28.17 4.16
C ALA A 50 -17.01 27.67 3.79
N VAL A 51 -16.16 27.52 4.82
CA VAL A 51 -14.81 26.99 4.69
C VAL A 51 -14.78 25.70 5.52
N PHE A 52 -14.32 24.61 4.92
CA PHE A 52 -14.23 23.34 5.62
C PHE A 52 -12.78 23.09 6.06
N HIS A 53 -12.61 22.77 7.34
CA HIS A 53 -11.31 22.49 7.96
C HIS A 53 -11.23 20.99 8.27
N PRO A 54 -10.68 20.16 7.36
CA PRO A 54 -10.65 18.71 7.61
C PRO A 54 -9.58 18.31 8.62
N ARG A 55 -9.80 17.16 9.27
CA ARG A 55 -8.83 16.58 10.20
C ARG A 55 -8.09 15.47 9.46
N ALA A 56 -8.79 14.81 8.51
CA ALA A 56 -8.26 13.69 7.73
C ALA A 56 -8.96 13.56 6.38
N ALA A 57 -8.52 12.60 5.54
CA ALA A 57 -9.08 12.32 4.22
C ALA A 57 -10.58 11.98 4.27
N GLY A 58 -10.99 11.24 5.30
CA GLY A 58 -12.38 10.83 5.51
C GLY A 58 -13.34 12.00 5.60
N ASP A 59 -12.88 13.12 6.23
CA ASP A 59 -13.64 14.37 6.36
C ASP A 59 -13.86 15.00 4.99
N VAL A 60 -12.79 15.03 4.15
CA VAL A 60 -12.86 15.55 2.78
C VAL A 60 -13.84 14.68 1.98
N ALA A 61 -13.74 13.33 2.13
CA ALA A 61 -14.66 12.38 1.46
C ALA A 61 -16.13 12.66 1.85
N GLY A 62 -16.37 12.87 3.15
CA GLY A 62 -17.68 13.20 3.72
C GLY A 62 -18.29 14.45 3.12
N LEU A 63 -17.48 15.54 3.01
CA LEU A 63 -17.93 16.81 2.43
C LEU A 63 -18.24 16.69 0.94
N VAL A 64 -17.34 16.05 0.15
CA VAL A 64 -17.53 15.87 -1.30
C VAL A 64 -18.75 14.96 -1.56
N GLY A 65 -18.86 13.88 -0.78
CA GLY A 65 -19.99 12.95 -0.84
C GLY A 65 -21.32 13.65 -0.64
N ALA A 66 -21.39 14.57 0.35
CA ALA A 66 -22.55 15.39 0.66
C ALA A 66 -22.90 16.31 -0.52
N ALA A 67 -21.87 16.94 -1.18
CA ALA A 67 -22.08 17.78 -2.36
C ALA A 67 -22.61 16.93 -3.52
N PHE A 68 -22.03 15.72 -3.72
CA PHE A 68 -22.46 14.80 -4.77
C PHE A 68 -23.91 14.35 -4.58
N ARG A 69 -24.33 14.13 -3.32
CA ARG A 69 -25.69 13.70 -2.95
C ARG A 69 -26.71 14.84 -2.82
N SER A 70 -26.26 16.10 -2.59
CA SER A 70 -27.16 17.25 -2.44
C SER A 70 -28.03 17.51 -3.67
N ALA A 71 -29.19 18.17 -3.47
CA ALA A 71 -30.13 18.47 -4.56
C ALA A 71 -29.51 19.36 -5.63
N ARG A 72 -28.94 20.51 -5.24
CA ARG A 72 -28.33 21.46 -6.18
C ARG A 72 -26.88 21.14 -6.62
N GLY A 73 -26.18 20.31 -5.84
CA GLY A 73 -24.79 19.94 -6.11
C GLY A 73 -23.84 21.12 -5.97
N PHE A 74 -23.68 21.61 -4.72
CA PHE A 74 -22.83 22.77 -4.44
C PHE A 74 -21.33 22.54 -4.80
N ARG A 75 -20.67 23.62 -5.20
CA ARG A 75 -19.26 23.63 -5.62
C ARG A 75 -18.37 23.36 -4.43
N VAL A 76 -17.36 22.53 -4.62
CA VAL A 76 -16.34 22.22 -3.61
C VAL A 76 -14.96 22.39 -4.24
N SER A 77 -14.10 23.21 -3.63
CA SER A 77 -12.73 23.38 -4.12
C SER A 77 -11.72 23.32 -3.00
N ALA A 78 -10.64 22.55 -3.21
CA ALA A 78 -9.53 22.49 -2.27
C ALA A 78 -8.70 23.78 -2.46
N ARG A 79 -8.22 24.35 -1.37
CA ARG A 79 -7.33 25.53 -1.42
C ARG A 79 -6.02 25.10 -0.76
N GLY A 80 -4.91 25.36 -1.44
CA GLY A 80 -3.57 25.10 -0.93
C GLY A 80 -3.08 26.32 -0.18
N HIS A 81 -2.09 27.03 -0.73
CA HIS A 81 -1.61 28.26 -0.10
C HIS A 81 -2.29 29.51 -0.74
N GLY A 82 -3.25 29.29 -1.63
CA GLY A 82 -3.96 30.36 -2.33
C GLY A 82 -3.12 31.09 -3.36
N HIS A 83 -2.19 30.38 -4.02
CA HIS A 83 -1.30 31.02 -5.01
C HIS A 83 -1.80 31.19 -6.44
N SER A 84 -3.07 30.80 -6.70
CA SER A 84 -3.73 30.95 -8.01
C SER A 84 -3.81 32.42 -8.45
N ILE A 85 -3.84 32.64 -9.75
CA ILE A 85 -3.87 33.95 -10.38
C ILE A 85 -5.29 34.38 -10.75
N SER A 86 -6.18 33.44 -11.05
CA SER A 86 -7.51 33.81 -11.51
C SER A 86 -8.70 33.01 -10.95
N GLY A 87 -8.71 32.80 -9.64
CA GLY A 87 -9.82 32.13 -8.94
C GLY A 87 -9.93 30.63 -9.10
N GLN A 88 -8.81 29.95 -9.51
CA GLN A 88 -8.79 28.47 -9.72
C GLN A 88 -9.20 27.67 -8.45
N ALA A 89 -8.93 28.19 -7.24
CA ALA A 89 -9.29 27.54 -5.96
C ALA A 89 -10.60 28.10 -5.34
N GLN A 90 -11.37 28.90 -6.09
CA GLN A 90 -12.61 29.49 -5.55
C GLN A 90 -13.87 28.65 -5.85
N ALA A 91 -14.74 28.51 -4.86
CA ALA A 91 -15.98 27.73 -4.97
C ALA A 91 -17.20 28.65 -4.68
N ALA A 92 -17.64 29.38 -5.72
CA ALA A 92 -18.76 30.36 -5.64
C ALA A 92 -20.02 29.71 -5.08
N GLY A 93 -20.50 30.27 -3.96
CA GLY A 93 -21.68 29.79 -3.22
C GLY A 93 -21.59 28.37 -2.71
N GLY A 94 -20.36 27.83 -2.64
CA GLY A 94 -20.13 26.47 -2.20
C GLY A 94 -19.25 26.38 -0.99
N VAL A 95 -18.37 25.38 -0.96
CA VAL A 95 -17.46 25.17 0.16
C VAL A 95 -16.00 25.11 -0.31
N VAL A 96 -15.14 25.91 0.32
CA VAL A 96 -13.70 25.82 0.07
C VAL A 96 -13.11 24.93 1.18
N VAL A 97 -12.34 23.90 0.79
CA VAL A 97 -11.65 23.00 1.73
C VAL A 97 -10.27 23.60 1.98
N ASP A 98 -10.02 24.04 3.23
CA ASP A 98 -8.72 24.60 3.63
C ASP A 98 -7.80 23.41 3.95
N MET A 99 -7.07 22.93 2.93
CA MET A 99 -6.15 21.79 2.99
C MET A 99 -4.88 22.07 3.79
N SER A 100 -4.44 23.33 3.84
CA SER A 100 -3.18 23.71 4.50
C SER A 100 -3.38 24.29 5.90
N ALA A 110 0.05 11.79 13.26
CA ALA A 110 1.47 12.07 13.05
C ALA A 110 1.89 11.83 11.60
N ARG A 111 2.82 12.67 11.10
CA ARG A 111 3.39 12.62 9.76
C ARG A 111 4.18 11.34 9.56
N ALA A 112 4.05 10.74 8.36
CA ALA A 112 4.76 9.52 8.00
C ALA A 112 6.25 9.81 7.84
N LEU A 113 7.09 8.91 8.33
CA LEU A 113 8.53 9.03 8.19
C LEU A 113 8.88 8.60 6.77
N PRO A 114 9.95 9.17 6.14
CA PRO A 114 10.38 8.66 4.83
C PRO A 114 10.69 7.16 4.95
N VAL A 115 10.45 6.43 3.87
CA VAL A 115 10.57 4.98 3.81
C VAL A 115 11.48 4.58 2.65
N HIS A 116 12.33 3.56 2.86
CA HIS A 116 13.16 3.04 1.79
C HIS A 116 12.47 1.82 1.14
N SER A 117 12.54 1.74 -0.20
CA SER A 117 12.01 0.61 -0.96
C SER A 117 13.12 -0.02 -1.82
N ALA A 118 13.41 -1.32 -1.60
CA ALA A 118 14.39 -2.04 -2.40
C ALA A 118 13.85 -2.26 -3.82
N ALA A 119 12.51 -2.31 -4.00
CA ALA A 119 11.88 -2.50 -5.30
C ALA A 119 11.97 -1.25 -6.18
N LEU A 120 11.77 -0.06 -5.57
CA LEU A 120 11.84 1.22 -6.28
C LEU A 120 13.29 1.70 -6.39
N GLY A 121 14.17 1.14 -5.55
CA GLY A 121 15.58 1.46 -5.50
C GLY A 121 15.87 2.84 -4.91
N GLY A 122 15.01 3.27 -3.99
CA GLY A 122 15.14 4.57 -3.34
C GLY A 122 14.05 4.88 -2.32
N HIS A 123 14.09 6.10 -1.80
CA HIS A 123 13.17 6.56 -0.77
C HIS A 123 11.94 7.29 -1.30
N TYR A 124 10.90 7.30 -0.47
CA TYR A 124 9.67 8.03 -0.70
C TYR A 124 9.16 8.51 0.64
N VAL A 125 8.18 9.42 0.61
CA VAL A 125 7.50 9.94 1.79
C VAL A 125 6.04 10.25 1.46
N ASP A 126 5.14 9.79 2.34
CA ASP A 126 3.72 10.07 2.22
C ASP A 126 3.47 11.39 2.91
N VAL A 127 2.79 12.29 2.20
CA VAL A 127 2.46 13.61 2.70
C VAL A 127 0.99 13.91 2.51
N TRP A 128 0.42 14.68 3.45
CA TRP A 128 -0.95 15.18 3.33
C TRP A 128 -1.00 16.11 2.07
N GLY A 129 -2.09 16.04 1.31
CA GLY A 129 -2.30 16.86 0.12
C GLY A 129 -2.10 18.36 0.30
N GLY A 130 -2.44 18.86 1.49
CA GLY A 130 -2.31 20.28 1.83
C GLY A 130 -0.96 20.70 2.37
N GLU A 131 -0.01 19.74 2.56
CA GLU A 131 1.32 20.05 3.10
C GLU A 131 2.05 21.01 2.17
N LEU A 132 2.72 21.98 2.75
CA LEU A 132 3.52 22.92 1.97
C LEU A 132 4.87 22.29 1.72
N TRP A 133 5.42 22.48 0.51
CA TRP A 133 6.72 21.94 0.13
C TRP A 133 7.84 22.28 1.14
N VAL A 134 7.82 23.52 1.72
CA VAL A 134 8.81 23.97 2.74
C VAL A 134 8.77 23.03 3.98
N ASP A 135 7.56 22.62 4.40
CA ASP A 135 7.36 21.73 5.53
C ASP A 135 7.76 20.30 5.17
N VAL A 136 7.48 19.87 3.91
CA VAL A 136 7.89 18.57 3.38
C VAL A 136 9.44 18.49 3.49
N LEU A 137 10.14 19.52 2.94
CA LEU A 137 11.58 19.64 2.93
C LEU A 137 12.19 19.53 4.34
N ASN A 138 11.72 20.34 5.29
CA ASN A 138 12.21 20.35 6.68
C ASN A 138 12.06 18.96 7.33
N TRP A 139 10.92 18.29 7.11
CA TRP A 139 10.62 16.96 7.61
C TRP A 139 11.58 15.89 7.06
N THR A 140 11.76 15.84 5.72
CA THR A 140 12.62 14.83 5.06
C THR A 140 14.09 15.04 5.42
N LEU A 141 14.52 16.30 5.52
CA LEU A 141 15.89 16.61 5.89
C LEU A 141 16.19 16.19 7.33
N SER A 142 15.23 16.40 8.24
CA SER A 142 15.39 16.03 9.64
C SER A 142 15.17 14.51 9.89
N HIS A 143 14.72 13.77 8.87
CA HIS A 143 14.49 12.34 8.98
C HIS A 143 15.30 11.55 7.93
N GLY A 144 16.61 11.65 8.03
CA GLY A 144 17.52 10.96 7.13
C GLY A 144 18.29 11.80 6.13
N GLY A 145 18.16 13.13 6.18
CA GLY A 145 18.86 14.02 5.26
C GLY A 145 18.44 13.80 3.81
N LEU A 146 17.14 13.52 3.62
CA LEU A 146 16.51 13.25 2.33
C LEU A 146 15.72 14.48 1.87
N ALA A 147 15.43 14.57 0.56
CA ALA A 147 14.68 15.66 -0.04
C ALA A 147 14.12 15.31 -1.42
N PRO A 148 12.99 15.94 -1.81
CA PRO A 148 12.47 15.79 -3.19
C PRO A 148 13.54 16.26 -4.20
N ARG A 149 13.50 15.69 -5.39
CA ARG A 149 14.45 15.94 -6.50
C ARG A 149 14.05 17.12 -7.41
N SER A 150 12.74 17.40 -7.48
CA SER A 150 12.17 18.39 -8.39
C SER A 150 11.35 19.39 -7.59
N TRP A 151 11.62 20.66 -7.82
CA TRP A 151 11.01 21.76 -7.07
C TRP A 151 10.22 22.75 -7.90
N THR A 152 9.65 23.73 -7.17
CA THR A 152 9.10 24.98 -7.66
C THR A 152 10.12 26.02 -7.12
N ASP A 153 10.09 27.27 -7.65
CA ASP A 153 10.96 28.36 -7.16
C ASP A 153 10.52 28.80 -5.75
N TYR A 154 9.25 28.56 -5.41
CA TYR A 154 8.65 28.98 -4.16
C TYR A 154 8.10 27.79 -3.37
N LEU A 155 8.63 27.58 -2.15
CA LEU A 155 8.28 26.42 -1.31
C LEU A 155 6.99 26.55 -0.51
N TYR A 156 6.40 27.76 -0.49
CA TYR A 156 5.14 27.98 0.23
C TYR A 156 3.95 27.76 -0.72
N LEU A 157 3.96 26.57 -1.32
CA LEU A 157 2.92 26.05 -2.22
C LEU A 157 2.56 24.68 -1.69
N SER A 158 1.30 24.28 -1.86
CA SER A 158 0.87 22.96 -1.41
C SER A 158 1.28 21.89 -2.42
N VAL A 159 1.48 20.68 -1.90
CA VAL A 159 1.80 19.48 -2.69
C VAL A 159 0.63 19.23 -3.69
N GLY A 160 -0.61 19.26 -3.19
CA GLY A 160 -1.82 19.07 -4.00
C GLY A 160 -1.94 20.09 -5.12
N GLY A 161 -1.64 21.36 -4.80
CA GLY A 161 -1.69 22.49 -5.71
C GLY A 161 -0.73 22.38 -6.88
N THR A 162 0.55 22.08 -6.60
CA THR A 162 1.55 21.95 -7.64
C THR A 162 1.35 20.66 -8.44
N LEU A 163 0.96 19.56 -7.76
CA LEU A 163 0.70 18.29 -8.50
C LEU A 163 -0.53 18.40 -9.44
N SER A 164 -1.41 19.39 -9.18
CA SER A 164 -2.58 19.65 -10.05
C SER A 164 -2.18 20.47 -11.33
N ASN A 165 -0.94 20.97 -11.37
CA ASN A 165 -0.43 21.77 -12.48
C ASN A 165 0.75 21.09 -13.18
N ALA A 166 1.94 21.06 -12.54
CA ALA A 166 3.13 20.33 -13.00
C ALA A 166 4.17 20.44 -11.90
N GLY A 167 4.47 21.69 -11.49
CA GLY A 167 5.49 21.97 -10.49
C GLY A 167 6.85 21.98 -11.17
N ILE A 168 7.31 23.18 -11.60
CA ILE A 168 8.55 23.34 -12.35
C ILE A 168 9.49 24.36 -11.75
N SER A 169 10.76 24.11 -11.90
CA SER A 169 11.88 24.96 -11.47
C SER A 169 13.11 24.49 -12.27
N GLY A 170 14.30 24.97 -11.91
CA GLY A 170 15.58 24.64 -12.55
C GLY A 170 15.96 23.18 -12.65
N GLN A 171 15.31 22.26 -11.88
CA GLN A 171 15.59 20.81 -11.88
C GLN A 171 14.79 20.02 -12.92
N ALA A 172 13.68 20.59 -13.38
CA ALA A 172 12.75 19.95 -14.30
C ALA A 172 13.37 19.37 -15.58
N PHE A 173 14.34 20.06 -16.20
CA PHE A 173 15.04 19.59 -17.40
C PHE A 173 15.65 18.17 -17.20
N HIS A 174 16.11 17.87 -15.96
CA HIS A 174 16.75 16.60 -15.63
C HIS A 174 15.80 15.58 -14.93
N HIS A 175 15.11 15.97 -13.86
CA HIS A 175 14.21 15.06 -13.12
C HIS A 175 12.76 15.08 -13.59
N GLY A 176 12.44 16.01 -14.47
CA GLY A 176 11.08 16.25 -14.90
C GLY A 176 10.36 17.11 -13.88
N PRO A 177 9.11 17.52 -14.16
CA PRO A 177 8.36 18.30 -13.18
C PRO A 177 7.98 17.44 -11.94
N GLN A 178 7.42 18.08 -10.90
CA GLN A 178 7.00 17.38 -9.67
C GLN A 178 5.98 16.24 -9.96
N ILE A 179 5.15 16.38 -11.02
CA ILE A 179 4.22 15.33 -11.46
C ILE A 179 4.94 14.06 -12.01
N SER A 180 6.24 14.14 -12.33
CA SER A 180 7.07 13.03 -12.82
C SER A 180 7.84 12.42 -11.62
N ASN A 181 7.63 12.95 -10.39
CA ASN A 181 8.34 12.52 -9.20
C ASN A 181 7.42 12.12 -8.04
N VAL A 182 6.31 11.47 -8.39
CA VAL A 182 5.31 11.02 -7.44
C VAL A 182 4.92 9.56 -7.79
N TYR A 183 4.96 8.69 -6.79
CA TYR A 183 4.70 7.26 -6.98
C TYR A 183 3.25 6.88 -6.91
N GLU A 184 2.50 7.55 -6.02
CA GLU A 184 1.13 7.17 -5.69
C GLU A 184 0.39 8.36 -5.06
N LEU A 185 -0.95 8.29 -5.12
CA LEU A 185 -1.86 9.26 -4.56
C LEU A 185 -3.05 8.59 -3.89
N ASP A 186 -3.65 9.30 -2.92
CA ASP A 186 -4.99 9.01 -2.41
C ASP A 186 -5.78 10.21 -2.91
N VAL A 187 -6.85 9.91 -3.62
CA VAL A 187 -7.70 10.90 -4.26
C VAL A 187 -9.15 10.74 -3.80
N VAL A 188 -9.76 11.85 -3.38
CA VAL A 188 -11.19 11.94 -3.08
C VAL A 188 -11.81 12.42 -4.41
N THR A 189 -12.54 11.53 -5.09
CA THR A 189 -13.22 11.85 -6.37
C THR A 189 -14.40 12.82 -6.15
N GLY A 190 -14.99 13.28 -7.26
CA GLY A 190 -16.17 14.15 -7.28
C GLY A 190 -17.44 13.45 -6.80
N LYS A 191 -17.33 12.14 -6.49
CA LYS A 191 -18.42 11.30 -5.95
C LYS A 191 -18.16 11.00 -4.44
N GLY A 192 -17.08 11.57 -3.89
CA GLY A 192 -16.73 11.39 -2.48
C GLY A 192 -16.12 10.05 -2.15
N GLU A 193 -15.60 9.33 -3.16
CA GLU A 193 -14.95 8.04 -2.99
C GLU A 193 -13.44 8.26 -2.79
N VAL A 194 -12.85 7.58 -1.82
CA VAL A 194 -11.41 7.64 -1.55
C VAL A 194 -10.75 6.53 -2.37
N VAL A 195 -9.88 6.91 -3.30
CA VAL A 195 -9.22 5.97 -4.21
C VAL A 195 -7.70 6.08 -4.10
N THR A 196 -7.00 4.92 -3.93
CA THR A 196 -5.55 4.85 -3.97
C THR A 196 -5.20 4.59 -5.44
N CYS A 197 -4.33 5.44 -6.01
CA CYS A 197 -3.97 5.29 -7.42
C CYS A 197 -2.50 5.53 -7.68
N SER A 198 -1.98 4.91 -8.74
CA SER A 198 -0.58 4.93 -9.16
C SER A 198 -0.52 4.45 -10.62
N GLU A 199 0.70 4.21 -11.16
CA GLU A 199 0.88 3.69 -12.51
C GLU A 199 0.30 2.25 -12.62
N THR A 200 0.31 1.49 -11.51
CA THR A 200 -0.16 0.10 -11.52
C THR A 200 -1.55 -0.13 -10.90
N GLU A 201 -2.16 0.91 -10.33
CA GLU A 201 -3.44 0.80 -9.63
C GLU A 201 -4.32 2.02 -9.94
N ASN A 202 -5.45 1.82 -10.68
CA ASN A 202 -6.34 2.89 -11.15
C ASN A 202 -5.49 3.96 -11.91
N PRO A 203 -4.66 3.57 -12.92
CA PRO A 203 -3.80 4.56 -13.61
C PRO A 203 -4.51 5.72 -14.27
N ASP A 204 -5.75 5.50 -14.79
CA ASP A 204 -6.54 6.56 -15.44
C ASP A 204 -6.77 7.71 -14.46
N LEU A 205 -7.15 7.41 -13.20
CA LEU A 205 -7.35 8.44 -12.19
C LEU A 205 -6.03 9.14 -11.82
N PHE A 206 -4.96 8.35 -11.55
CA PHE A 206 -3.62 8.81 -11.20
C PHE A 206 -3.06 9.79 -12.25
N PHE A 207 -2.97 9.35 -13.52
CA PHE A 207 -2.50 10.19 -14.62
C PHE A 207 -3.43 11.37 -14.93
N GLY A 208 -4.73 11.18 -14.70
CA GLY A 208 -5.75 12.22 -14.90
C GLY A 208 -5.55 13.37 -13.93
N VAL A 209 -5.42 13.04 -12.62
CA VAL A 209 -5.22 13.98 -11.52
C VAL A 209 -3.92 14.80 -11.71
N LEU A 210 -2.82 14.14 -12.13
CA LEU A 210 -1.51 14.77 -12.33
C LEU A 210 -1.58 15.78 -13.47
N GLY A 211 -1.48 17.06 -13.10
CA GLY A 211 -1.65 18.18 -14.02
C GLY A 211 -3.09 18.40 -14.44
N GLY A 212 -4.02 17.76 -13.70
CA GLY A 212 -5.47 17.75 -13.97
C GLY A 212 -6.32 18.93 -13.53
N LEU A 213 -5.70 20.00 -12.99
CA LEU A 213 -6.37 21.25 -12.60
C LEU A 213 -7.53 21.07 -11.55
N GLY A 214 -7.38 20.10 -10.64
CA GLY A 214 -8.33 19.73 -9.60
C GLY A 214 -9.65 19.16 -10.09
N GLN A 215 -9.76 18.88 -11.40
CA GLN A 215 -10.99 18.39 -12.07
C GLN A 215 -11.50 17.00 -11.70
N PHE A 216 -10.62 16.09 -11.24
CA PHE A 216 -11.03 14.70 -10.99
C PHE A 216 -11.05 14.26 -9.54
N GLY A 217 -10.62 15.13 -8.65
CA GLY A 217 -10.55 14.84 -7.24
C GLY A 217 -9.60 15.70 -6.45
N ILE A 218 -9.71 15.59 -5.13
CA ILE A 218 -8.85 16.29 -4.18
C ILE A 218 -7.79 15.29 -3.74
N ILE A 219 -6.51 15.67 -3.90
CA ILE A 219 -5.39 14.84 -3.44
C ILE A 219 -5.31 15.00 -1.91
N THR A 220 -5.48 13.89 -1.17
CA THR A 220 -5.36 13.86 0.30
C THR A 220 -4.01 13.26 0.71
N ARG A 221 -3.40 12.43 -0.16
CA ARG A 221 -2.05 11.85 0.07
C ARG A 221 -1.27 11.82 -1.23
N ALA A 222 0.02 12.16 -1.13
CA ALA A 222 0.96 12.09 -2.24
C ALA A 222 2.24 11.41 -1.74
N ARG A 223 2.67 10.37 -2.48
CA ARG A 223 3.89 9.61 -2.18
C ARG A 223 5.01 10.20 -3.06
N ILE A 224 5.80 11.09 -2.47
CA ILE A 224 6.87 11.86 -3.13
C ILE A 224 8.20 11.12 -3.17
N ALA A 225 8.83 11.06 -4.36
CA ALA A 225 10.15 10.48 -4.59
C ALA A 225 11.18 11.38 -3.88
N LEU A 226 12.20 10.75 -3.27
CA LEU A 226 13.26 11.44 -2.54
C LEU A 226 14.62 10.95 -2.94
N GLU A 227 15.61 11.82 -2.78
CA GLU A 227 17.01 11.52 -3.00
C GLU A 227 17.76 11.98 -1.75
N ARG A 228 19.01 11.52 -1.59
CA ARG A 228 19.85 11.98 -0.49
C ARG A 228 20.13 13.45 -0.83
N ALA A 229 19.83 14.35 0.10
CA ALA A 229 19.98 15.77 -0.17
C ALA A 229 21.41 16.26 -0.21
N PRO A 230 21.75 17.19 -1.15
CA PRO A 230 23.08 17.82 -1.06
C PRO A 230 23.07 18.74 0.16
N LYS A 231 24.23 19.06 0.71
CA LYS A 231 24.30 19.93 1.88
C LYS A 231 24.39 21.41 1.47
N ARG A 232 25.12 21.69 0.37
CA ARG A 232 25.39 23.03 -0.09
C ARG A 232 25.20 23.21 -1.59
N VAL A 233 25.14 24.49 -2.01
CA VAL A 233 24.89 24.89 -3.38
C VAL A 233 25.88 25.99 -3.78
N ARG A 234 26.51 25.83 -4.95
CA ARG A 234 27.29 26.87 -5.60
C ARG A 234 26.28 27.51 -6.60
N TRP A 235 25.76 28.69 -6.24
CA TRP A 235 24.74 29.45 -6.96
C TRP A 235 25.41 30.50 -7.85
N ILE A 236 25.26 30.33 -9.17
CA ILE A 236 25.90 31.16 -10.20
C ILE A 236 24.90 31.93 -11.09
N ARG A 237 25.28 33.19 -11.43
CA ARG A 237 24.59 34.07 -12.36
C ARG A 237 25.60 34.70 -13.31
N ALA A 238 25.26 34.74 -14.60
CA ALA A 238 26.10 35.31 -15.66
C ALA A 238 25.21 36.05 -16.66
N LEU A 239 25.74 37.14 -17.24
CA LEU A 239 24.98 37.99 -18.15
C LEU A 239 25.29 37.81 -19.62
N TYR A 240 24.27 38.03 -20.45
CA TYR A 240 24.30 37.94 -21.91
C TYR A 240 23.57 39.11 -22.51
N SER A 241 24.14 39.69 -23.58
CA SER A 241 23.49 40.74 -24.37
C SER A 241 22.93 40.08 -25.64
N ASN A 242 23.48 38.91 -26.02
CA ASN A 242 23.08 38.19 -27.22
C ASN A 242 22.10 37.05 -26.90
N PHE A 243 20.83 37.22 -27.29
CA PHE A 243 19.77 36.23 -27.05
C PHE A 243 20.04 34.86 -27.70
N SER A 244 20.64 34.85 -28.91
CA SER A 244 21.01 33.62 -29.64
C SER A 244 22.03 32.82 -28.84
N GLU A 245 23.01 33.51 -28.22
CA GLU A 245 24.08 32.89 -27.41
C GLU A 245 23.49 32.37 -26.08
N PHE A 246 22.63 33.19 -25.44
CA PHE A 246 21.95 32.88 -24.21
C PHE A 246 21.09 31.61 -24.34
N THR A 247 20.20 31.56 -25.37
CA THR A 247 19.35 30.40 -25.62
C THR A 247 20.19 29.17 -26.01
N ALA A 248 21.24 29.34 -26.84
CA ALA A 248 22.10 28.21 -27.25
C ALA A 248 22.79 27.59 -26.02
N ASP A 249 23.28 28.43 -25.07
CA ASP A 249 23.92 27.96 -23.84
C ASP A 249 22.92 27.26 -22.92
N GLN A 250 21.70 27.82 -22.76
CA GLN A 250 20.64 27.18 -21.97
C GLN A 250 20.27 25.80 -22.56
N GLU A 251 20.11 25.71 -23.89
CA GLU A 251 19.76 24.46 -24.57
C GLU A 251 20.90 23.43 -24.46
N ARG A 252 22.16 23.88 -24.58
CA ARG A 252 23.31 22.99 -24.42
C ARG A 252 23.33 22.40 -22.98
N LEU A 253 23.18 23.27 -21.95
CA LEU A 253 23.19 22.88 -20.53
C LEU A 253 22.14 21.85 -20.15
N ILE A 254 20.93 21.95 -20.73
CA ILE A 254 19.86 21.00 -20.45
C ILE A 254 20.00 19.66 -21.19
N SER A 255 20.93 19.58 -22.15
CA SER A 255 21.20 18.36 -22.90
C SER A 255 22.29 17.50 -22.19
N LEU A 256 22.96 18.06 -21.16
CA LEU A 256 24.08 17.42 -20.43
C LEU A 256 23.65 16.33 -19.45
N GLY A 257 24.51 15.31 -19.31
CA GLY A 257 24.29 14.18 -18.43
C GLY A 257 23.50 13.05 -19.08
N ARG A 262 28.81 15.17 -16.42
CA ARG A 262 29.07 16.47 -15.83
C ARG A 262 28.03 17.50 -16.29
N ARG A 263 27.30 18.08 -15.33
CA ARG A 263 26.26 19.08 -15.59
C ARG A 263 25.88 19.90 -14.36
N PHE A 264 25.05 20.93 -14.58
CA PHE A 264 24.53 21.74 -13.49
C PHE A 264 23.28 21.02 -12.98
N ASP A 265 22.91 21.27 -11.72
CA ASP A 265 21.76 20.65 -11.07
C ASP A 265 20.48 21.51 -11.21
N TYR A 266 20.66 22.74 -11.69
CA TYR A 266 19.59 23.73 -11.83
C TYR A 266 19.93 24.64 -13.00
N VAL A 267 18.97 24.81 -13.90
CA VAL A 267 19.11 25.67 -15.07
C VAL A 267 17.86 26.55 -15.22
N GLU A 268 18.04 27.85 -15.01
CA GLU A 268 17.04 28.87 -15.20
C GLU A 268 17.67 30.09 -15.91
N GLY A 269 16.86 31.09 -16.15
CA GLY A 269 17.26 32.36 -16.76
C GLY A 269 16.16 33.39 -16.58
N PHE A 270 16.52 34.66 -16.74
CA PHE A 270 15.59 35.77 -16.63
C PHE A 270 16.01 36.97 -17.46
N VAL A 271 15.01 37.78 -17.86
CA VAL A 271 15.20 38.97 -18.68
C VAL A 271 15.48 40.15 -17.74
N VAL A 272 16.56 40.88 -18.01
CA VAL A 272 17.04 42.01 -17.20
C VAL A 272 16.87 43.33 -17.96
N ALA A 273 16.35 44.35 -17.27
CA ALA A 273 16.22 45.70 -17.84
C ALA A 273 17.60 46.36 -17.74
N ALA A 274 18.11 46.93 -18.86
CA ALA A 274 19.42 47.58 -18.92
C ALA A 274 19.40 48.95 -18.26
N VAL A 303 18.09 45.76 -22.71
CA VAL A 303 17.67 44.38 -22.39
C VAL A 303 18.86 43.40 -22.34
N LEU A 304 19.04 42.75 -21.18
CA LEU A 304 20.07 41.74 -20.93
C LEU A 304 19.41 40.43 -20.48
N TYR A 305 20.11 39.31 -20.67
CA TYR A 305 19.60 38.00 -20.25
C TYR A 305 20.54 37.39 -19.21
N CYS A 306 19.96 36.97 -18.09
CA CYS A 306 20.76 36.39 -17.02
C CYS A 306 20.61 34.88 -17.00
N LEU A 307 21.74 34.16 -17.08
CA LEU A 307 21.75 32.72 -16.94
C LEU A 307 21.93 32.41 -15.43
N GLU A 308 21.06 31.55 -14.87
CA GLU A 308 21.16 31.17 -13.45
C GLU A 308 21.31 29.66 -13.35
N VAL A 309 22.46 29.22 -12.80
CA VAL A 309 22.79 27.81 -12.65
C VAL A 309 23.26 27.49 -11.23
N THR A 310 23.16 26.21 -10.84
CA THR A 310 23.69 25.75 -9.55
C THR A 310 24.45 24.44 -9.69
N LYS A 311 25.39 24.22 -8.78
CA LYS A 311 26.09 22.97 -8.64
C LYS A 311 25.92 22.54 -7.18
N ASN A 312 25.18 21.46 -6.99
CA ASN A 312 24.91 20.87 -5.68
C ASN A 312 26.13 20.08 -5.24
N TYR A 313 26.44 20.12 -3.95
CA TYR A 313 27.55 19.36 -3.39
C TYR A 313 27.36 19.01 -1.90
N ASP A 314 28.19 18.06 -1.43
CA ASP A 314 28.19 17.60 -0.05
C ASP A 314 29.65 17.40 0.39
N ASP A 315 29.88 16.84 1.60
CA ASP A 315 31.22 16.59 2.14
C ASP A 315 32.12 15.79 1.18
N GLU A 316 31.55 14.76 0.52
CA GLU A 316 32.25 13.90 -0.45
C GLU A 316 32.68 14.64 -1.73
N THR A 317 31.79 15.48 -2.32
CA THR A 317 32.06 16.21 -3.57
C THR A 317 32.60 17.64 -3.38
N ALA A 318 32.78 18.11 -2.14
CA ALA A 318 33.28 19.46 -1.84
C ALA A 318 34.66 19.77 -2.46
N GLY A 319 35.49 18.73 -2.60
CA GLY A 319 36.83 18.84 -3.17
C GLY A 319 36.90 18.94 -4.68
N SER A 320 35.80 18.62 -5.38
CA SER A 320 35.73 18.68 -6.84
C SER A 320 34.75 19.75 -7.39
N VAL A 321 33.96 20.41 -6.50
CA VAL A 321 32.97 21.41 -6.91
C VAL A 321 33.56 22.62 -7.67
N ASP A 322 34.72 23.15 -7.21
CA ASP A 322 35.37 24.29 -7.87
C ASP A 322 35.77 23.97 -9.31
N GLN A 323 36.40 22.80 -9.53
CA GLN A 323 36.82 22.38 -10.87
C GLN A 323 35.62 22.03 -11.75
N ASP A 324 34.59 21.39 -11.19
CA ASP A 324 33.37 21.05 -11.92
C ASP A 324 32.69 22.31 -12.47
N VAL A 325 32.57 23.35 -11.62
CA VAL A 325 31.98 24.64 -11.97
C VAL A 325 32.81 25.34 -13.07
N ASP A 326 34.14 25.48 -12.86
CA ASP A 326 35.06 26.11 -13.81
C ASP A 326 35.07 25.45 -15.19
N THR A 327 35.03 24.09 -15.24
CA THR A 327 34.99 23.30 -16.48
C THR A 327 33.70 23.61 -17.25
N LEU A 328 32.55 23.55 -16.55
CA LEU A 328 31.23 23.84 -17.14
C LEU A 328 31.12 25.28 -17.65
N LEU A 329 31.58 26.27 -16.83
CA LEU A 329 31.53 27.69 -17.20
C LEU A 329 32.43 28.05 -18.38
N GLY A 330 33.60 27.41 -18.47
CA GLY A 330 34.58 27.62 -19.54
C GLY A 330 34.04 27.34 -20.93
N GLU A 331 33.05 26.44 -21.02
CA GLU A 331 32.37 26.03 -22.25
C GLU A 331 31.22 26.99 -22.65
N LEU A 332 30.87 27.97 -21.78
CA LEU A 332 29.78 28.92 -22.01
C LEU A 332 30.22 30.22 -22.68
N ASN A 333 29.23 30.95 -23.25
CA ASN A 333 29.46 32.18 -23.99
C ASN A 333 28.93 33.46 -23.33
N PHE A 334 28.81 33.46 -21.98
CA PHE A 334 28.37 34.64 -21.23
C PHE A 334 29.38 35.81 -21.40
N LEU A 335 28.94 37.04 -21.12
CA LEU A 335 29.78 38.24 -21.19
C LEU A 335 30.90 38.15 -20.13
N PRO A 336 32.18 38.27 -20.55
CA PRO A 336 33.29 38.20 -19.57
C PRO A 336 33.17 39.23 -18.43
N GLY A 337 33.50 38.81 -17.21
CA GLY A 337 33.43 39.64 -16.03
C GLY A 337 32.04 39.81 -15.44
N THR A 338 31.05 39.05 -15.93
CA THR A 338 29.66 39.15 -15.43
C THR A 338 29.24 37.94 -14.55
N VAL A 339 30.19 37.08 -14.17
CA VAL A 339 29.89 35.92 -13.32
C VAL A 339 29.83 36.36 -11.86
N PHE A 340 28.66 36.14 -11.23
CA PHE A 340 28.41 36.40 -9.81
C PHE A 340 28.17 35.03 -9.17
N THR A 341 28.83 34.79 -8.02
CA THR A 341 28.77 33.50 -7.33
C THR A 341 28.45 33.65 -5.85
N THR A 342 27.61 32.74 -5.35
CA THR A 342 27.17 32.62 -3.95
C THR A 342 27.29 31.14 -3.54
N ASP A 343 27.77 30.91 -2.31
CA ASP A 343 27.88 29.59 -1.71
C ASP A 343 27.02 29.61 -0.45
N LEU A 344 26.03 28.69 -0.38
CA LEU A 344 25.06 28.68 0.72
C LEU A 344 24.46 27.29 0.97
N PRO A 345 23.86 27.03 2.17
CA PRO A 345 23.20 25.72 2.38
C PRO A 345 22.05 25.50 1.41
N TYR A 346 21.77 24.24 1.11
CA TYR A 346 20.73 23.78 0.20
C TYR A 346 19.35 24.36 0.54
N VAL A 347 18.94 24.31 1.85
CA VAL A 347 17.65 24.85 2.31
CA VAL A 347 17.66 24.86 2.31
C VAL A 347 17.55 26.34 1.98
N ASP A 348 18.62 27.11 2.23
CA ASP A 348 18.65 28.55 1.97
C ASP A 348 18.48 28.87 0.49
N PHE A 349 19.13 28.09 -0.42
CA PHE A 349 18.95 28.31 -1.86
C PHE A 349 17.48 28.02 -2.23
N LEU A 350 16.95 26.83 -1.85
CA LEU A 350 15.58 26.43 -2.15
C LEU A 350 14.53 27.40 -1.61
N ASP A 351 14.81 28.05 -0.48
CA ASP A 351 13.90 29.01 0.15
C ASP A 351 14.11 30.51 -0.24
N ARG A 352 15.00 30.78 -1.24
CA ARG A 352 15.36 32.12 -1.72
C ARG A 352 14.14 33.07 -1.96
N VAL A 353 13.04 32.57 -2.56
CA VAL A 353 11.84 33.37 -2.86
C VAL A 353 11.10 33.83 -1.59
N HIS A 354 11.02 32.93 -0.57
CA HIS A 354 10.41 33.30 0.71
C HIS A 354 11.20 34.47 1.38
N LYS A 355 12.55 34.48 1.23
CA LYS A 355 13.40 35.56 1.75
C LYS A 355 13.03 36.88 1.08
N ALA A 356 12.80 36.86 -0.26
CA ALA A 356 12.37 38.01 -1.04
C ALA A 356 10.95 38.45 -0.62
N GLU A 357 10.05 37.48 -0.33
CA GLU A 357 8.68 37.72 0.12
C GLU A 357 8.64 38.53 1.44
N LEU A 358 9.45 38.13 2.44
CA LEU A 358 9.49 38.82 3.73
C LEU A 358 9.89 40.30 3.57
N LYS A 359 10.82 40.61 2.64
CA LYS A 359 11.23 41.98 2.33
C LYS A 359 10.10 42.75 1.66
N LEU A 360 9.37 42.09 0.72
CA LEU A 360 8.26 42.69 -0.01
C LEU A 360 7.08 42.98 0.91
N ARG A 361 6.77 42.05 1.84
CA ARG A 361 5.70 42.20 2.83
C ARG A 361 5.98 43.43 3.73
N ALA A 362 7.27 43.63 4.12
CA ALA A 362 7.74 44.76 4.95
C ALA A 362 7.54 46.12 4.25
N LYS A 363 7.54 46.14 2.90
CA LYS A 363 7.34 47.33 2.07
C LYS A 363 5.90 47.43 1.49
N GLY A 364 5.00 46.54 1.93
CA GLY A 364 3.62 46.46 1.45
C GLY A 364 3.49 46.20 -0.04
N MET A 365 4.49 45.48 -0.60
CA MET A 365 4.60 45.18 -2.02
C MET A 365 4.36 43.69 -2.39
N TRP A 366 3.88 42.90 -1.42
CA TRP A 366 3.57 41.49 -1.65
C TRP A 366 2.09 41.33 -1.95
N GLU A 367 1.20 41.86 -1.08
CA GLU A 367 -0.25 41.75 -1.26
C GLU A 367 -0.79 42.84 -2.21
N VAL A 368 -0.40 42.72 -3.48
CA VAL A 368 -0.76 43.60 -4.60
C VAL A 368 -1.27 42.68 -5.74
N PRO A 369 -2.03 43.19 -6.74
CA PRO A 369 -2.44 42.30 -7.86
C PRO A 369 -1.25 41.75 -8.64
N HIS A 370 -1.32 40.47 -9.02
CA HIS A 370 -0.30 39.79 -9.79
C HIS A 370 -0.89 39.24 -11.10
N PRO A 371 -0.92 40.05 -12.17
CA PRO A 371 -1.47 39.55 -13.45
C PRO A 371 -0.39 38.72 -14.17
N TRP A 372 -0.08 37.56 -13.59
CA TRP A 372 0.96 36.66 -14.08
C TRP A 372 0.52 35.87 -15.31
N LEU A 373 1.40 35.81 -16.31
CA LEU A 373 1.13 35.02 -17.53
C LEU A 373 2.28 34.04 -17.75
N ASN A 374 1.95 32.75 -17.81
CA ASN A 374 2.95 31.69 -18.00
C ASN A 374 2.73 30.91 -19.29
N LEU A 375 3.77 30.88 -20.13
CA LEU A 375 3.70 30.19 -21.42
C LEU A 375 4.80 29.17 -21.59
N PHE A 376 4.45 28.08 -22.24
CA PHE A 376 5.35 27.05 -22.70
C PHE A 376 5.47 27.34 -24.21
N VAL A 377 6.67 27.75 -24.61
CA VAL A 377 6.98 28.15 -25.98
C VAL A 377 7.90 27.11 -26.64
N PRO A 378 7.49 26.54 -27.80
CA PRO A 378 8.38 25.61 -28.52
C PRO A 378 9.73 26.28 -28.84
N ALA A 379 10.86 25.57 -28.60
CA ALA A 379 12.21 26.09 -28.84
C ALA A 379 12.40 26.63 -30.28
N SER A 380 11.73 25.99 -31.28
CA SER A 380 11.80 26.42 -32.68
C SER A 380 11.27 27.87 -32.90
N ARG A 381 10.48 28.40 -31.94
CA ARG A 381 9.89 29.74 -32.02
C ARG A 381 10.40 30.72 -30.96
N ILE A 382 11.39 30.32 -30.16
CA ILE A 382 11.93 31.18 -29.09
C ILE A 382 12.63 32.46 -29.62
N ALA A 383 13.34 32.39 -30.78
CA ALA A 383 14.06 33.54 -31.38
C ALA A 383 13.09 34.68 -31.71
N ASP A 384 11.98 34.35 -32.41
CA ASP A 384 10.91 35.26 -32.83
C ASP A 384 10.19 35.84 -31.61
N PHE A 385 9.98 34.99 -30.57
CA PHE A 385 9.36 35.40 -29.33
C PHE A 385 10.10 36.62 -28.75
N ASP A 386 11.42 36.58 -28.71
CA ASP A 386 12.30 37.65 -28.21
C ASP A 386 12.22 39.10 -28.75
N ARG A 387 12.52 39.36 -30.07
CA ARG A 387 12.48 40.75 -30.57
C ARG A 387 11.04 41.26 -30.65
N GLY A 388 10.10 40.34 -30.80
CA GLY A 388 8.67 40.62 -30.81
C GLY A 388 8.09 40.93 -29.44
N VAL A 389 8.62 40.27 -28.36
CA VAL A 389 8.11 40.42 -26.99
C VAL A 389 9.01 41.20 -26.06
N PHE A 390 10.23 40.68 -25.78
CA PHE A 390 11.17 41.28 -24.83
C PHE A 390 11.64 42.66 -25.32
N ARG A 391 11.84 42.83 -26.64
CA ARG A 391 12.26 44.09 -27.27
C ARG A 391 11.01 44.88 -27.73
N GLY A 392 10.02 44.17 -28.27
CA GLY A 392 8.78 44.72 -28.83
C GLY A 392 7.72 45.16 -27.83
N VAL A 393 6.82 44.22 -27.47
CA VAL A 393 5.69 44.41 -26.54
C VAL A 393 6.11 45.02 -25.18
N LEU A 394 7.12 44.44 -24.50
CA LEU A 394 7.59 44.93 -23.19
C LEU A 394 8.47 46.19 -23.30
N GLY A 395 9.06 46.41 -24.47
CA GLY A 395 9.93 47.56 -24.73
C GLY A 395 11.40 47.23 -24.59
N GLY A 403 8.63 43.88 -14.48
CA GLY A 403 8.96 43.02 -13.35
C GLY A 403 9.70 41.76 -13.77
N PRO A 404 9.89 40.76 -12.85
CA PRO A 404 10.62 39.54 -13.24
C PRO A 404 10.00 38.72 -14.40
N VAL A 405 10.82 38.49 -15.42
CA VAL A 405 10.46 37.69 -16.59
C VAL A 405 11.39 36.46 -16.64
N LEU A 406 10.86 35.27 -16.27
CA LEU A 406 11.67 34.03 -16.29
C LEU A 406 11.66 33.39 -17.68
N ILE A 407 12.78 32.76 -18.03
CA ILE A 407 12.94 32.07 -19.30
C ILE A 407 13.96 30.95 -19.16
N TYR A 408 13.52 29.71 -19.41
CA TYR A 408 14.41 28.55 -19.40
C TYR A 408 13.81 27.37 -20.16
N PRO A 409 14.65 26.59 -20.87
CA PRO A 409 14.12 25.43 -21.60
C PRO A 409 14.03 24.16 -20.73
N MET A 410 13.20 23.22 -21.18
CA MET A 410 12.95 21.93 -20.54
C MET A 410 12.91 20.81 -21.59
N ASN A 411 13.08 19.57 -21.13
CA ASN A 411 13.05 18.35 -21.95
C ASN A 411 11.71 17.66 -21.81
N LYS A 412 10.95 17.61 -22.91
CA LYS A 412 9.63 16.96 -22.95
C LYS A 412 9.68 15.47 -22.56
N HIS A 413 10.79 14.73 -22.88
CA HIS A 413 10.89 13.30 -22.54
C HIS A 413 10.80 13.03 -21.03
N LYS A 414 11.05 14.06 -20.17
CA LYS A 414 10.94 13.96 -18.71
C LYS A 414 9.48 14.14 -18.21
N TRP A 415 8.54 14.39 -19.14
CA TRP A 415 7.13 14.59 -18.86
C TRP A 415 6.37 13.37 -19.38
N ASP A 416 5.64 12.68 -18.51
CA ASP A 416 4.87 11.50 -18.93
C ASP A 416 3.66 11.96 -19.79
N PRO A 417 3.57 11.53 -21.09
CA PRO A 417 2.43 11.94 -21.93
C PRO A 417 1.05 11.43 -21.47
N ARG A 418 1.01 10.50 -20.50
CA ARG A 418 -0.26 9.97 -19.97
C ARG A 418 -0.94 10.95 -19.02
N SER A 419 -0.18 11.95 -18.46
CA SER A 419 -0.76 12.94 -17.55
C SER A 419 -1.68 13.94 -18.28
N SER A 420 -2.44 14.73 -17.50
CA SER A 420 -3.29 15.78 -18.02
C SER A 420 -2.46 17.04 -18.42
N ALA A 421 -1.16 17.11 -18.03
CA ALA A 421 -0.30 18.26 -18.38
C ALA A 421 -0.26 18.51 -19.91
N VAL A 422 -0.36 19.80 -20.29
CA VAL A 422 -0.36 20.24 -21.69
C VAL A 422 0.95 20.94 -22.03
N THR A 423 1.76 20.29 -22.88
CA THR A 423 3.03 20.89 -23.31
C THR A 423 3.02 21.11 -24.81
N PRO A 424 3.87 22.01 -25.38
CA PRO A 424 3.91 22.11 -26.85
C PRO A 424 4.45 20.79 -27.43
N ASP A 425 4.09 20.52 -28.70
CA ASP A 425 4.47 19.33 -29.45
C ASP A 425 5.91 19.41 -29.99
N GLU A 426 6.88 19.61 -29.10
CA GLU A 426 8.30 19.71 -29.42
C GLU A 426 9.12 19.17 -28.26
N GLU A 427 10.25 18.50 -28.58
CA GLU A 427 11.14 17.89 -27.59
C GLU A 427 11.71 18.89 -26.59
N VAL A 428 12.08 20.09 -27.07
CA VAL A 428 12.58 21.16 -26.19
C VAL A 428 11.57 22.32 -26.27
N PHE A 429 11.11 22.78 -25.10
CA PHE A 429 10.20 23.92 -24.96
C PHE A 429 10.65 24.76 -23.78
N TYR A 430 10.32 26.05 -23.80
CA TYR A 430 10.67 26.99 -22.74
C TYR A 430 9.50 27.40 -21.89
N LEU A 431 9.76 27.57 -20.60
CA LEU A 431 8.83 28.27 -19.77
C LEU A 431 9.20 29.76 -19.99
N VAL A 432 8.20 30.60 -20.30
CA VAL A 432 8.37 32.05 -20.38
C VAL A 432 7.36 32.57 -19.37
N ALA A 433 7.85 33.01 -18.20
CA ALA A 433 7.02 33.45 -17.10
C ALA A 433 7.06 34.99 -16.89
N PHE A 434 5.94 35.66 -17.15
CA PHE A 434 5.78 37.12 -16.97
C PHE A 434 5.23 37.31 -15.56
N LEU A 435 6.14 37.52 -14.59
CA LEU A 435 5.79 37.62 -13.17
C LEU A 435 5.69 39.08 -12.73
N ARG A 436 4.75 39.79 -13.33
CA ARG A 436 4.50 41.21 -13.12
C ARG A 436 3.68 41.53 -11.88
N SER A 437 4.05 42.61 -11.22
CA SER A 437 3.32 43.11 -10.07
C SER A 437 2.74 44.47 -10.44
N ALA A 438 1.44 44.64 -10.19
CA ALA A 438 0.76 45.92 -10.39
C ALA A 438 1.16 46.85 -9.23
N LEU A 439 1.09 48.17 -9.45
CA LEU A 439 1.40 49.17 -8.42
C LEU A 439 0.36 49.06 -7.30
N PRO A 440 0.77 49.14 -6.00
CA PRO A 440 -0.23 48.99 -4.92
C PRO A 440 -1.31 50.07 -4.96
N GLY A 441 -2.56 49.65 -4.73
CA GLY A 441 -3.74 50.51 -4.72
C GLY A 441 -4.00 51.30 -6.00
N ALA A 442 -3.42 50.83 -7.13
CA ALA A 442 -3.52 51.48 -8.44
C ALA A 442 -4.17 50.56 -9.48
N PRO A 443 -5.51 50.56 -9.56
CA PRO A 443 -6.20 49.71 -10.56
C PRO A 443 -5.78 49.86 -12.03
N GLU A 444 -5.38 51.06 -12.47
CA GLU A 444 -4.95 51.34 -13.84
C GLU A 444 -3.64 50.59 -14.19
N SER A 445 -2.81 50.29 -13.18
CA SER A 445 -1.54 49.59 -13.35
C SER A 445 -1.85 48.13 -13.72
N LEU A 446 -2.81 47.51 -12.99
CA LEU A 446 -3.28 46.16 -13.26
C LEU A 446 -3.84 46.06 -14.69
N GLU A 447 -4.70 47.03 -15.09
CA GLU A 447 -5.32 47.11 -16.42
C GLU A 447 -4.30 47.23 -17.55
N ALA A 448 -3.26 48.08 -17.37
CA ALA A 448 -2.22 48.24 -18.39
C ALA A 448 -1.42 46.93 -18.53
N LEU A 449 -1.10 46.27 -17.40
CA LEU A 449 -0.40 44.98 -17.39
C LEU A 449 -1.24 43.88 -18.05
N ALA A 450 -2.56 43.88 -17.81
CA ALA A 450 -3.47 42.91 -18.44
C ALA A 450 -3.51 43.12 -19.97
N ARG A 451 -3.45 44.40 -20.44
CA ARG A 451 -3.42 44.71 -21.88
C ARG A 451 -2.11 44.18 -22.50
N GLN A 452 -0.98 44.32 -21.77
CA GLN A 452 0.33 43.80 -22.19
C GLN A 452 0.27 42.27 -22.36
N ASN A 453 -0.35 41.56 -21.39
CA ASN A 453 -0.55 40.09 -21.45
C ASN A 453 -1.32 39.69 -22.72
N GLN A 454 -2.43 40.40 -23.01
CA GLN A 454 -3.24 40.13 -24.20
C GLN A 454 -2.45 40.37 -25.52
N ARG A 455 -1.59 41.42 -25.56
CA ARG A 455 -0.73 41.69 -26.72
C ARG A 455 0.25 40.53 -26.95
N ILE A 456 0.77 39.92 -25.85
CA ILE A 456 1.68 38.75 -25.91
C ILE A 456 0.94 37.54 -26.53
N LEU A 457 -0.31 37.28 -26.08
CA LEU A 457 -1.14 36.20 -26.61
C LEU A 457 -1.48 36.45 -28.08
N ASP A 458 -1.81 37.73 -28.44
CA ASP A 458 -2.12 38.17 -29.80
C ASP A 458 -0.91 37.93 -30.72
N PHE A 459 0.31 38.27 -30.24
CA PHE A 459 1.58 38.05 -30.93
C PHE A 459 1.78 36.56 -31.25
N CYS A 460 1.59 35.67 -30.24
CA CYS A 460 1.71 34.22 -30.39
C CYS A 460 0.72 33.69 -31.44
N ALA A 461 -0.56 34.12 -31.33
CA ALA A 461 -1.64 33.75 -32.24
C ALA A 461 -1.36 34.22 -33.68
N GLY A 462 -1.00 35.50 -33.81
CA GLY A 462 -0.72 36.17 -35.07
C GLY A 462 0.46 35.63 -35.86
N THR A 463 1.46 35.07 -35.16
CA THR A 463 2.65 34.51 -35.82
C THR A 463 2.65 32.98 -35.82
N GLY A 464 1.54 32.38 -35.35
CA GLY A 464 1.40 30.93 -35.30
C GLY A 464 2.36 30.21 -34.39
N ILE A 465 2.75 30.84 -33.26
CA ILE A 465 3.61 30.18 -32.28
C ILE A 465 2.69 29.20 -31.51
N GLY A 466 2.98 27.91 -31.61
CA GLY A 466 2.21 26.86 -30.93
C GLY A 466 2.46 26.81 -29.43
N ALA A 467 2.39 27.98 -28.76
CA ALA A 467 2.56 28.10 -27.31
C ALA A 467 1.33 27.54 -26.58
N LYS A 468 1.55 27.06 -25.36
CA LYS A 468 0.50 26.54 -24.49
C LYS A 468 0.63 27.24 -23.17
N GLN A 469 -0.50 27.68 -22.63
CA GLN A 469 -0.46 28.37 -21.36
C GLN A 469 -0.29 27.37 -20.20
N TYR A 470 0.66 27.65 -19.31
CA TYR A 470 0.85 26.90 -18.06
C TYR A 470 -0.02 27.65 -17.02
N LEU A 471 -0.75 26.92 -16.14
CA LEU A 471 -1.73 27.49 -15.19
C LEU A 471 -2.79 28.26 -16.03
N PRO A 472 -3.40 27.58 -17.03
CA PRO A 472 -4.33 28.28 -17.92
C PRO A 472 -5.53 28.92 -17.23
N GLY A 473 -5.82 30.17 -17.62
CA GLY A 473 -6.93 30.96 -17.13
C GLY A 473 -7.93 31.25 -18.25
N HIS A 474 -8.00 30.33 -19.25
CA HIS A 474 -8.86 30.40 -20.45
C HIS A 474 -10.31 30.86 -20.26
N LYS A 475 -11.21 29.92 -19.89
CA LYS A 475 -12.66 30.04 -19.64
C LYS A 475 -13.62 29.61 -20.77
N ALA A 476 -13.39 30.00 -22.05
CA ALA A 476 -14.31 29.58 -23.14
C ALA A 476 -14.09 28.13 -23.57
N ARG A 477 -15.20 27.39 -23.81
CA ARG A 477 -15.19 25.99 -24.20
C ARG A 477 -14.31 25.68 -25.41
N HIS A 478 -14.44 26.48 -26.50
CA HIS A 478 -13.63 26.27 -27.70
C HIS A 478 -12.13 26.57 -27.42
N GLU A 479 -11.84 27.49 -26.47
CA GLU A 479 -10.48 27.83 -26.05
C GLU A 479 -9.85 26.65 -25.30
N TRP A 480 -10.63 25.91 -24.47
CA TRP A 480 -10.14 24.72 -23.76
C TRP A 480 -9.90 23.60 -24.74
N ALA A 481 -10.77 23.51 -25.78
CA ALA A 481 -10.67 22.52 -26.85
C ALA A 481 -9.37 22.75 -27.62
N GLU A 482 -9.07 24.02 -27.93
CA GLU A 482 -7.85 24.46 -28.63
C GLU A 482 -6.60 24.22 -27.73
N HIS A 483 -6.70 24.56 -26.44
CA HIS A 483 -5.62 24.35 -25.45
C HIS A 483 -5.20 22.87 -25.41
N PHE A 484 -6.17 21.97 -25.16
CA PHE A 484 -5.88 20.53 -25.08
C PHE A 484 -5.59 19.86 -26.42
N GLY A 485 -6.34 20.25 -27.45
CA GLY A 485 -6.31 19.59 -28.75
C GLY A 485 -7.33 18.47 -28.67
N ALA A 486 -7.82 18.00 -29.83
CA ALA A 486 -8.88 16.99 -29.89
C ALA A 486 -8.71 15.73 -29.03
N ALA A 487 -7.60 14.98 -29.20
CA ALA A 487 -7.32 13.75 -28.46
C ALA A 487 -7.29 13.97 -26.92
N ARG A 488 -6.49 14.96 -26.45
CA ARG A 488 -6.38 15.28 -25.03
C ARG A 488 -7.70 15.80 -24.45
N TRP A 489 -8.45 16.62 -25.21
CA TRP A 489 -9.74 17.12 -24.78
C TRP A 489 -10.72 15.97 -24.55
N ASP A 490 -10.79 15.03 -25.51
CA ASP A 490 -11.65 13.86 -25.42
C ASP A 490 -11.33 13.03 -24.14
N ARG A 491 -10.03 12.78 -23.88
CA ARG A 491 -9.59 12.05 -22.69
C ARG A 491 -9.99 12.80 -21.40
N PHE A 492 -9.77 14.15 -21.37
CA PHE A 492 -10.09 15.02 -20.23
C PHE A 492 -11.61 15.01 -19.91
N ALA A 493 -12.46 15.13 -20.95
CA ALA A 493 -13.93 15.10 -20.82
C ALA A 493 -14.44 13.75 -20.31
N ARG A 494 -13.82 12.63 -20.79
CA ARG A 494 -14.20 11.27 -20.36
C ARG A 494 -13.83 11.06 -18.90
N LEU A 495 -12.67 11.60 -18.47
CA LEU A 495 -12.24 11.52 -17.08
C LEU A 495 -13.21 12.31 -16.17
N LYS A 496 -13.68 13.47 -16.65
CA LYS A 496 -14.62 14.32 -15.91
C LYS A 496 -15.97 13.57 -15.72
N ALA A 497 -16.49 12.95 -16.80
CA ALA A 497 -17.76 12.18 -16.78
C ALA A 497 -17.68 11.01 -15.77
N GLU A 498 -16.50 10.36 -15.68
CA GLU A 498 -16.23 9.26 -14.80
C GLU A 498 -16.08 9.68 -13.33
N PHE A 499 -15.21 10.68 -13.06
CA PHE A 499 -14.80 11.10 -11.73
C PHE A 499 -15.47 12.28 -11.06
N ASP A 500 -16.01 13.24 -11.83
CA ASP A 500 -16.73 14.42 -11.31
C ASP A 500 -17.91 14.76 -12.27
N PRO A 501 -18.88 13.82 -12.45
CA PRO A 501 -19.99 14.07 -13.40
C PRO A 501 -20.85 15.30 -13.12
N ARG A 502 -20.93 15.74 -11.85
CA ARG A 502 -21.71 16.92 -11.47
C ARG A 502 -20.90 18.23 -11.55
N ALA A 503 -19.61 18.14 -11.94
CA ALA A 503 -18.68 19.28 -12.04
C ALA A 503 -18.61 20.10 -10.73
N ILE A 504 -18.61 19.37 -9.60
CA ILE A 504 -18.51 19.91 -8.23
C ILE A 504 -17.10 20.54 -8.00
N LEU A 505 -16.06 19.81 -8.39
CA LEU A 505 -14.66 20.14 -8.11
C LEU A 505 -13.95 21.16 -8.99
N ALA A 506 -13.20 22.06 -8.32
CA ALA A 506 -12.38 23.11 -8.93
C ALA A 506 -13.11 23.83 -10.10
N ALA A 507 -14.39 24.24 -9.84
CA ALA A 507 -15.24 24.93 -10.83
C ALA A 507 -14.67 26.29 -11.20
N GLY A 508 -13.86 26.87 -10.30
CA GLY A 508 -13.15 28.12 -10.52
C GLY A 508 -12.18 28.09 -11.69
N GLN A 509 -11.81 26.87 -12.17
CA GLN A 509 -10.94 26.70 -13.34
C GLN A 509 -11.74 27.06 -14.62
N GLY A 510 -13.07 27.05 -14.50
CA GLY A 510 -14.01 27.40 -15.57
C GLY A 510 -13.93 26.52 -16.80
N ILE A 511 -13.82 25.19 -16.60
CA ILE A 511 -13.74 24.24 -17.72
C ILE A 511 -15.12 23.59 -17.97
N PHE A 512 -15.76 23.08 -16.90
CA PHE A 512 -17.05 22.40 -16.97
C PHE A 512 -18.14 23.07 -16.12
N ARG A 513 -19.41 22.78 -16.43
CA ARG A 513 -20.59 23.27 -15.71
C ARG A 513 -21.53 22.07 -15.39
N PRO A 514 -22.42 22.13 -14.36
CA PRO A 514 -23.24 20.95 -14.01
C PRO A 514 -24.15 20.42 -15.12
N GLY B 23 11.03 -26.34 37.08
CA GLY B 23 11.92 -25.19 37.12
C GLY B 23 12.17 -24.59 35.75
N GLY B 24 11.39 -23.56 35.41
CA GLY B 24 11.47 -22.82 34.15
C GLY B 24 12.44 -21.66 34.19
N ARG B 25 12.77 -21.12 32.99
CA ARG B 25 13.71 -20.03 32.84
C ARG B 25 13.07 -18.80 32.18
N LEU B 26 13.13 -17.66 32.88
CA LEU B 26 12.63 -16.40 32.37
C LEU B 26 13.81 -15.67 31.74
N SER B 27 13.66 -15.30 30.46
CA SER B 27 14.71 -14.69 29.65
C SER B 27 14.40 -13.29 29.15
N VAL B 28 15.43 -12.42 29.21
CA VAL B 28 15.38 -11.05 28.69
C VAL B 28 16.42 -10.87 27.57
N ASP B 29 16.96 -12.00 27.04
CA ASP B 29 17.91 -12.01 25.94
C ASP B 29 17.22 -11.28 24.75
N ALA B 30 17.87 -10.22 24.21
CA ALA B 30 17.34 -9.41 23.10
C ALA B 30 16.91 -10.24 21.90
N SER B 31 17.66 -11.32 21.59
CA SER B 31 17.35 -12.24 20.49
C SER B 31 16.04 -12.99 20.77
N ASP B 32 15.82 -13.51 22.00
CA ASP B 32 14.54 -14.16 22.23
C ASP B 32 13.35 -13.20 22.35
N ILE B 33 13.58 -11.97 22.87
CA ILE B 33 12.56 -10.91 22.87
C ILE B 33 12.18 -10.57 21.41
N ALA B 34 13.20 -10.37 20.53
CA ALA B 34 13.01 -10.06 19.11
C ALA B 34 12.20 -11.16 18.39
N GLU B 35 12.57 -12.45 18.60
CA GLU B 35 11.85 -13.58 18.02
C GLU B 35 10.38 -13.64 18.49
N ALA B 36 10.15 -13.42 19.81
CA ALA B 36 8.83 -13.40 20.43
C ALA B 36 7.98 -12.15 20.04
N SER B 37 8.63 -11.13 19.43
CA SER B 37 8.00 -9.88 19.02
C SER B 37 7.68 -9.85 17.53
N ARG B 38 7.84 -10.97 16.84
CA ARG B 38 7.58 -11.07 15.41
C ARG B 38 6.93 -12.40 15.05
N ASP B 39 6.36 -12.47 13.85
CA ASP B 39 5.78 -13.70 13.32
C ASP B 39 5.99 -13.73 11.80
N PHE B 40 5.52 -14.80 11.16
CA PHE B 40 5.62 -15.03 9.74
C PHE B 40 4.92 -13.93 8.91
N GLY B 41 3.88 -13.32 9.48
CA GLY B 41 3.17 -12.19 8.88
C GLY B 41 4.11 -11.02 8.58
N GLY B 42 5.06 -10.78 9.50
CA GLY B 42 6.07 -9.73 9.38
C GLY B 42 5.58 -8.31 9.55
N VAL B 43 4.38 -8.13 10.14
CA VAL B 43 3.75 -6.83 10.36
C VAL B 43 3.61 -6.49 11.85
N ALA B 44 2.83 -7.31 12.60
CA ALA B 44 2.61 -7.12 14.04
C ALA B 44 3.92 -7.31 14.80
N ARG B 45 4.25 -6.35 15.69
CA ARG B 45 5.53 -6.36 16.41
C ARG B 45 5.45 -6.05 17.92
N ALA B 46 4.33 -6.39 18.58
CA ALA B 46 4.16 -6.14 20.01
C ALA B 46 5.19 -6.94 20.84
N GLU B 47 5.99 -6.22 21.63
CA GLU B 47 7.07 -6.78 22.44
C GLU B 47 6.61 -7.24 23.83
N PRO B 48 7.06 -8.45 24.29
CA PRO B 48 6.78 -8.84 25.68
C PRO B 48 7.86 -8.26 26.60
N MET B 49 7.70 -8.39 27.92
CA MET B 49 8.71 -7.97 28.90
C MET B 49 9.78 -9.06 29.03
N ALA B 50 9.37 -10.35 28.84
CA ALA B 50 10.24 -11.52 28.94
C ALA B 50 9.74 -12.72 28.12
N VAL B 51 10.63 -13.70 27.93
CA VAL B 51 10.31 -14.97 27.26
C VAL B 51 10.50 -16.07 28.30
N PHE B 52 9.50 -16.92 28.45
CA PHE B 52 9.58 -18.02 29.41
C PHE B 52 9.90 -19.32 28.67
N HIS B 53 10.92 -20.04 29.16
CA HIS B 53 11.38 -21.30 28.60
C HIS B 53 11.01 -22.42 29.58
N PRO B 54 9.84 -23.08 29.41
CA PRO B 54 9.45 -24.12 30.37
C PRO B 54 10.21 -25.42 30.17
N ARG B 55 10.29 -26.22 31.24
CA ARG B 55 10.91 -27.54 31.21
C ARG B 55 9.78 -28.56 31.13
N ALA B 56 8.61 -28.24 31.74
CA ALA B 56 7.43 -29.11 31.79
C ALA B 56 6.15 -28.30 31.95
N ALA B 57 4.99 -29.00 31.97
CA ALA B 57 3.66 -28.39 32.10
C ALA B 57 3.51 -27.58 33.40
N GLY B 58 4.11 -28.07 34.49
CA GLY B 58 4.08 -27.43 35.80
C GLY B 58 4.64 -26.03 35.79
N ASP B 59 5.71 -25.81 34.98
CA ASP B 59 6.35 -24.49 34.80
C ASP B 59 5.39 -23.53 34.11
N VAL B 60 4.68 -24.00 33.07
CA VAL B 60 3.67 -23.22 32.34
C VAL B 60 2.55 -22.87 33.33
N ALA B 61 2.09 -23.85 34.14
CA ALA B 61 1.05 -23.64 35.17
C ALA B 61 1.48 -22.54 36.18
N GLY B 62 2.74 -22.62 36.64
CA GLY B 62 3.35 -21.66 37.55
C GLY B 62 3.34 -20.24 37.01
N LEU B 63 3.74 -20.06 35.72
CA LEU B 63 3.76 -18.74 35.07
C LEU B 63 2.35 -18.16 34.88
N VAL B 64 1.39 -18.98 34.38
CA VAL B 64 0.01 -18.53 34.17
C VAL B 64 -0.67 -18.19 35.53
N GLY B 65 -0.43 -19.05 36.53
CA GLY B 65 -0.91 -18.86 37.89
C GLY B 65 -0.47 -17.54 38.49
N ALA B 66 0.83 -17.18 38.27
CA ALA B 66 1.45 -15.92 38.70
C ALA B 66 0.76 -14.73 38.01
N ALA B 67 0.48 -14.86 36.67
CA ALA B 67 -0.23 -13.82 35.90
C ALA B 67 -1.64 -13.63 36.45
N PHE B 68 -2.35 -14.76 36.71
CA PHE B 68 -3.71 -14.77 37.26
C PHE B 68 -3.79 -14.11 38.65
N ARG B 69 -2.75 -14.34 39.49
CA ARG B 69 -2.65 -13.78 40.84
C ARG B 69 -2.06 -12.36 40.89
N SER B 70 -1.30 -11.93 39.86
CA SER B 70 -0.68 -10.60 39.80
C SER B 70 -1.69 -9.44 39.88
N ALA B 71 -1.27 -8.27 40.38
CA ALA B 71 -2.14 -7.10 40.52
C ALA B 71 -2.71 -6.62 39.18
N ARG B 72 -1.83 -6.40 38.18
CA ARG B 72 -2.22 -5.92 36.86
C ARG B 72 -2.69 -6.99 35.86
N GLY B 73 -2.39 -8.26 36.13
CA GLY B 73 -2.76 -9.39 35.28
C GLY B 73 -2.09 -9.33 33.93
N PHE B 74 -0.75 -9.49 33.90
CA PHE B 74 0.03 -9.42 32.66
C PHE B 74 -0.35 -10.50 31.63
N ARG B 75 -0.23 -10.14 30.34
CA ARG B 75 -0.55 -11.01 29.20
C ARG B 75 0.44 -12.16 29.11
N VAL B 76 -0.08 -13.35 28.84
CA VAL B 76 0.72 -14.56 28.64
C VAL B 76 0.26 -15.23 27.34
N SER B 77 1.20 -15.46 26.41
CA SER B 77 0.88 -16.17 25.17
C SER B 77 1.89 -17.24 24.84
N ALA B 78 1.39 -18.43 24.50
CA ALA B 78 2.25 -19.52 24.04
C ALA B 78 2.65 -19.20 22.58
N ARG B 79 3.89 -19.48 22.23
CA ARG B 79 4.38 -19.33 20.86
C ARG B 79 4.82 -20.72 20.39
N GLY B 80 4.34 -21.13 19.23
CA GLY B 80 4.72 -22.38 18.58
C GLY B 80 5.94 -22.14 17.71
N HIS B 81 5.77 -22.23 16.38
CA HIS B 81 6.89 -21.94 15.48
C HIS B 81 6.84 -20.47 14.98
N GLY B 82 5.92 -19.68 15.52
CA GLY B 82 5.73 -18.28 15.15
C GLY B 82 5.14 -18.09 13.76
N HIS B 83 4.27 -19.00 13.32
CA HIS B 83 3.69 -18.91 11.97
C HIS B 83 2.45 -18.02 11.78
N SER B 84 2.02 -17.31 12.84
CA SER B 84 0.88 -16.38 12.80
C SER B 84 1.15 -15.23 11.81
N ILE B 85 0.07 -14.68 11.27
CA ILE B 85 0.08 -13.62 10.28
C ILE B 85 -0.11 -12.23 10.90
N SER B 86 -0.82 -12.13 12.04
CA SER B 86 -1.11 -10.82 12.62
C SER B 86 -1.00 -10.69 14.14
N GLY B 87 0.11 -11.17 14.69
CA GLY B 87 0.41 -11.08 16.12
C GLY B 87 -0.39 -11.93 17.07
N GLN B 88 -1.03 -13.03 16.57
CA GLN B 88 -1.84 -13.95 17.40
C GLN B 88 -1.09 -14.53 18.62
N ALA B 89 0.24 -14.77 18.47
CA ALA B 89 1.09 -15.32 19.54
C ALA B 89 1.88 -14.23 20.33
N GLN B 90 1.54 -12.96 20.14
CA GLN B 90 2.23 -11.85 20.83
C GLN B 90 1.58 -11.44 22.16
N ALA B 91 2.40 -11.20 23.19
CA ALA B 91 1.91 -10.83 24.52
C ALA B 91 2.53 -9.46 24.92
N ALA B 92 1.90 -8.35 24.44
CA ALA B 92 2.36 -6.96 24.66
C ALA B 92 2.56 -6.67 26.15
N GLY B 93 3.79 -6.29 26.51
CA GLY B 93 4.21 -6.01 27.88
C GLY B 93 4.07 -7.16 28.87
N GLY B 94 3.92 -8.38 28.35
CA GLY B 94 3.73 -9.56 29.17
C GLY B 94 4.82 -10.59 28.98
N VAL B 95 4.42 -11.86 28.99
CA VAL B 95 5.37 -12.96 28.83
C VAL B 95 4.96 -13.89 27.67
N VAL B 96 5.89 -14.14 26.76
CA VAL B 96 5.69 -15.13 25.70
C VAL B 96 6.31 -16.46 26.18
N VAL B 97 5.53 -17.54 26.15
CA VAL B 97 6.00 -18.88 26.52
C VAL B 97 6.53 -19.53 25.23
N ASP B 98 7.85 -19.77 25.14
CA ASP B 98 8.47 -20.42 23.99
C ASP B 98 8.26 -21.94 24.15
N MET B 99 7.18 -22.47 23.53
CA MET B 99 6.78 -23.87 23.65
C MET B 99 7.69 -24.89 22.94
N SER B 100 8.64 -24.45 22.09
CA SER B 100 9.57 -25.35 21.38
C SER B 100 10.50 -26.17 22.30
N ALA B 110 12.25 -36.12 27.59
CA ALA B 110 11.80 -37.49 27.31
C ALA B 110 10.51 -37.47 26.48
N ARG B 111 10.32 -38.48 25.62
CA ARG B 111 9.12 -38.56 24.78
C ARG B 111 8.40 -39.88 24.94
N ALA B 112 7.07 -39.82 25.04
CA ALA B 112 6.23 -41.01 25.17
C ALA B 112 6.23 -41.80 23.86
N LEU B 113 6.31 -43.12 23.99
CA LEU B 113 6.27 -44.01 22.83
C LEU B 113 4.82 -44.11 22.39
N PRO B 114 4.53 -44.30 21.08
CA PRO B 114 3.15 -44.55 20.67
C PRO B 114 2.60 -45.78 21.41
N VAL B 115 1.31 -45.77 21.70
CA VAL B 115 0.61 -46.78 22.49
C VAL B 115 -0.57 -47.34 21.72
N HIS B 116 -0.80 -48.65 21.80
CA HIS B 116 -1.97 -49.26 21.20
C HIS B 116 -3.11 -49.37 22.23
N SER B 117 -4.35 -49.09 21.79
CA SER B 117 -5.54 -49.23 22.63
C SER B 117 -6.56 -50.15 21.95
N ALA B 118 -6.92 -51.26 22.63
CA ALA B 118 -7.93 -52.18 22.12
C ALA B 118 -9.32 -51.52 22.17
N ALA B 119 -9.53 -50.57 23.12
CA ALA B 119 -10.82 -49.87 23.26
C ALA B 119 -11.04 -48.85 22.12
N LEU B 120 -9.98 -48.11 21.73
CA LEU B 120 -10.06 -47.12 20.66
C LEU B 120 -9.91 -47.79 19.29
N GLY B 121 -9.38 -49.01 19.28
CA GLY B 121 -9.15 -49.81 18.08
C GLY B 121 -8.01 -49.29 17.21
N GLY B 122 -7.02 -48.68 17.86
CA GLY B 122 -5.86 -48.12 17.17
C GLY B 122 -4.85 -47.46 18.09
N HIS B 123 -3.83 -46.85 17.47
CA HIS B 123 -2.73 -46.22 18.16
C HIS B 123 -2.93 -44.73 18.43
N TYR B 124 -2.19 -44.24 19.42
CA TYR B 124 -2.11 -42.83 19.79
C TYR B 124 -0.73 -42.55 20.28
N VAL B 125 -0.38 -41.27 20.41
CA VAL B 125 0.88 -40.81 20.96
C VAL B 125 0.68 -39.48 21.71
N ASP B 126 1.25 -39.41 22.92
CA ASP B 126 1.22 -38.20 23.72
C ASP B 126 2.41 -37.38 23.29
N VAL B 127 2.15 -36.11 22.99
CA VAL B 127 3.17 -35.16 22.57
C VAL B 127 3.09 -33.88 23.38
N TRP B 128 4.25 -33.25 23.60
CA TRP B 128 4.31 -31.93 24.22
C TRP B 128 3.58 -30.93 23.28
N GLY B 129 2.84 -29.97 23.86
CA GLY B 129 2.11 -28.95 23.12
C GLY B 129 2.94 -28.17 22.11
N GLY B 130 4.22 -27.95 22.42
CA GLY B 130 5.15 -27.25 21.55
C GLY B 130 5.86 -28.07 20.49
N GLU B 131 5.65 -29.41 20.48
CA GLU B 131 6.30 -30.30 19.51
C GLU B 131 5.89 -29.91 18.09
N LEU B 132 6.87 -29.91 17.18
CA LEU B 132 6.59 -29.63 15.78
C LEU B 132 6.12 -30.91 15.13
N TRP B 133 5.14 -30.79 14.23
CA TRP B 133 4.59 -31.95 13.52
C TRP B 133 5.67 -32.81 12.83
N VAL B 134 6.73 -32.17 12.25
CA VAL B 134 7.86 -32.85 11.60
C VAL B 134 8.58 -33.80 12.61
N ASP B 135 8.75 -33.34 13.87
CA ASP B 135 9.38 -34.12 14.92
C ASP B 135 8.43 -35.22 15.41
N VAL B 136 7.12 -34.94 15.46
CA VAL B 136 6.08 -35.93 15.80
C VAL B 136 6.20 -37.08 14.79
N LEU B 137 6.16 -36.75 13.49
CA LEU B 137 6.24 -37.68 12.36
C LEU B 137 7.48 -38.59 12.45
N ASN B 138 8.68 -38.00 12.57
CA ASN B 138 9.94 -38.75 12.68
C ASN B 138 9.93 -39.75 13.86
N TRP B 139 9.41 -39.31 15.02
CA TRP B 139 9.27 -40.12 16.23
C TRP B 139 8.33 -41.33 16.02
N THR B 140 7.11 -41.09 15.51
CA THR B 140 6.11 -42.15 15.30
C THR B 140 6.55 -43.15 14.24
N LEU B 141 7.21 -42.66 13.17
CA LEU B 141 7.71 -43.53 12.12
C LEU B 141 8.82 -44.44 12.63
N SER B 142 9.71 -43.90 13.48
CA SER B 142 10.82 -44.66 14.05
C SER B 142 10.38 -45.57 15.22
N HIS B 143 9.12 -45.44 15.68
CA HIS B 143 8.58 -46.25 16.77
C HIS B 143 7.32 -47.01 16.35
N GLY B 144 7.49 -47.89 15.38
CA GLY B 144 6.40 -48.71 14.87
C GLY B 144 5.88 -48.41 13.48
N GLY B 145 6.51 -47.47 12.76
CA GLY B 145 6.08 -47.11 11.41
C GLY B 145 4.67 -46.53 11.39
N LEU B 146 4.35 -45.75 12.43
CA LEU B 146 3.05 -45.10 12.64
C LEU B 146 3.16 -43.62 12.28
N ALA B 147 2.00 -42.97 12.02
CA ALA B 147 1.93 -41.56 11.68
C ALA B 147 0.52 -40.99 11.85
N PRO B 148 0.41 -39.67 12.14
CA PRO B 148 -0.91 -39.01 12.17
C PRO B 148 -1.57 -39.14 10.80
N ARG B 149 -2.91 -39.14 10.77
CA ARG B 149 -3.77 -39.30 9.60
C ARG B 149 -4.08 -37.98 8.88
N SER B 150 -4.04 -36.87 9.65
CA SER B 150 -4.45 -35.57 9.16
C SER B 150 -3.35 -34.55 9.33
N TRP B 151 -3.06 -33.83 8.25
CA TRP B 151 -1.94 -32.92 8.26
C TRP B 151 -2.24 -31.47 7.96
N THR B 152 -1.13 -30.67 7.97
CA THR B 152 -1.02 -29.33 7.42
C THR B 152 -0.07 -29.52 6.22
N ASP B 153 0.00 -28.55 5.29
CA ASP B 153 0.93 -28.58 4.15
C ASP B 153 2.37 -28.39 4.65
N TYR B 154 2.53 -27.76 5.82
CA TYR B 154 3.84 -27.43 6.39
C TYR B 154 4.02 -28.07 7.77
N LEU B 155 5.04 -28.93 7.92
CA LEU B 155 5.27 -29.69 9.15
C LEU B 155 6.02 -28.94 10.25
N TYR B 156 6.54 -27.75 9.93
CA TYR B 156 7.25 -26.93 10.93
C TYR B 156 6.27 -25.97 11.61
N LEU B 157 5.20 -26.56 12.15
CA LEU B 157 4.14 -25.92 12.92
C LEU B 157 4.02 -26.73 14.21
N SER B 158 3.68 -26.07 15.30
CA SER B 158 3.50 -26.75 16.57
C SER B 158 2.14 -27.43 16.62
N VAL B 159 2.08 -28.53 17.40
CA VAL B 159 0.85 -29.29 17.64
C VAL B 159 -0.19 -28.34 18.33
N GLY B 160 0.24 -27.61 19.36
CA GLY B 160 -0.62 -26.64 20.06
C GLY B 160 -1.17 -25.56 19.15
N GLY B 161 -0.30 -25.00 18.29
CA GLY B 161 -0.64 -23.96 17.33
C GLY B 161 -1.73 -24.35 16.35
N THR B 162 -1.58 -25.53 15.71
CA THR B 162 -2.57 -25.98 14.71
C THR B 162 -3.84 -26.47 15.40
N LEU B 163 -3.72 -27.11 16.60
CA LEU B 163 -4.94 -27.56 17.32
C LEU B 163 -5.77 -26.36 17.84
N SER B 164 -5.15 -25.16 17.97
CA SER B 164 -5.87 -23.94 18.38
C SER B 164 -6.62 -23.32 17.15
N ASN B 165 -6.38 -23.84 15.92
CA ASN B 165 -7.04 -23.34 14.70
C ASN B 165 -7.93 -24.42 14.07
N ALA B 166 -7.32 -25.42 13.42
CA ALA B 166 -7.97 -26.62 12.88
C ALA B 166 -6.92 -27.63 12.42
N GLY B 167 -6.00 -27.19 11.57
CA GLY B 167 -4.96 -28.04 10.98
C GLY B 167 -5.54 -28.73 9.76
N ILE B 168 -5.41 -28.11 8.58
CA ILE B 168 -5.98 -28.64 7.33
C ILE B 168 -4.97 -28.79 6.22
N SER B 169 -5.17 -29.81 5.42
CA SER B 169 -4.40 -30.16 4.23
C SER B 169 -5.30 -31.09 3.38
N GLY B 170 -4.72 -31.72 2.34
CA GLY B 170 -5.42 -32.62 1.43
C GLY B 170 -6.12 -33.82 2.04
N GLN B 171 -5.85 -34.18 3.32
CA GLN B 171 -6.48 -35.34 4.00
C GLN B 171 -7.79 -35.00 4.73
N ALA B 172 -7.99 -33.69 5.04
CA ALA B 172 -9.12 -33.19 5.82
C ALA B 172 -10.51 -33.63 5.33
N PHE B 173 -10.73 -33.67 4.00
CA PHE B 173 -12.01 -34.12 3.41
C PHE B 173 -12.42 -35.53 3.92
N HIS B 174 -11.42 -36.41 4.17
CA HIS B 174 -11.64 -37.78 4.61
C HIS B 174 -11.49 -37.99 6.14
N HIS B 175 -10.38 -37.56 6.74
CA HIS B 175 -10.13 -37.74 8.17
C HIS B 175 -10.57 -36.58 9.06
N GLY B 176 -10.98 -35.49 8.43
CA GLY B 176 -11.30 -34.26 9.12
C GLY B 176 -10.03 -33.50 9.42
N PRO B 177 -10.15 -32.27 9.98
CA PRO B 177 -8.93 -31.53 10.34
C PRO B 177 -8.19 -32.19 11.53
N GLN B 178 -7.01 -31.69 11.85
CA GLN B 178 -6.21 -32.22 12.97
C GLN B 178 -6.99 -32.19 14.33
N ILE B 179 -7.90 -31.19 14.51
CA ILE B 179 -8.79 -31.09 15.69
C ILE B 179 -9.81 -32.25 15.79
N SER B 180 -10.03 -33.01 14.70
CA SER B 180 -10.92 -34.18 14.65
C SER B 180 -10.08 -35.46 14.85
N ASN B 181 -8.75 -35.32 15.08
CA ASN B 181 -7.84 -36.46 15.22
C ASN B 181 -6.99 -36.42 16.50
N VAL B 182 -7.62 -35.96 17.57
CA VAL B 182 -7.02 -35.84 18.89
C VAL B 182 -7.96 -36.41 19.95
N TYR B 183 -7.45 -37.32 20.76
CA TYR B 183 -8.25 -38.01 21.78
C TYR B 183 -8.39 -37.26 23.08
N GLU B 184 -7.33 -36.56 23.49
CA GLU B 184 -7.24 -35.96 24.80
C GLU B 184 -6.17 -34.85 24.82
N LEU B 185 -6.30 -33.95 25.80
CA LEU B 185 -5.38 -32.84 26.02
C LEU B 185 -5.10 -32.65 27.51
N ASP B 186 -3.94 -32.04 27.81
CA ASP B 186 -3.64 -31.45 29.09
C ASP B 186 -3.60 -29.97 28.77
N VAL B 187 -4.40 -29.21 29.50
CA VAL B 187 -4.55 -27.77 29.29
C VAL B 187 -4.25 -27.01 30.58
N VAL B 188 -3.41 -25.96 30.45
CA VAL B 188 -3.13 -25.00 31.51
C VAL B 188 -4.13 -23.87 31.22
N THR B 189 -5.16 -23.74 32.07
CA THR B 189 -6.18 -22.68 31.96
C THR B 189 -5.60 -21.28 32.27
N GLY B 190 -6.40 -20.24 32.05
CA GLY B 190 -6.09 -18.85 32.36
C GLY B 190 -5.99 -18.56 33.85
N LYS B 191 -6.27 -19.58 34.69
CA LYS B 191 -6.19 -19.53 36.16
C LYS B 191 -4.95 -20.34 36.64
N GLY B 192 -4.18 -20.89 35.69
CA GLY B 192 -2.97 -21.68 35.99
C GLY B 192 -3.24 -23.08 36.50
N GLU B 193 -4.45 -23.60 36.25
CA GLU B 193 -4.84 -24.94 36.65
C GLU B 193 -4.53 -25.92 35.50
N VAL B 194 -3.93 -27.07 35.81
CA VAL B 194 -3.63 -28.11 34.82
C VAL B 194 -4.83 -29.05 34.78
N VAL B 195 -5.49 -29.13 33.63
CA VAL B 195 -6.69 -29.96 33.45
C VAL B 195 -6.50 -30.99 32.32
N THR B 196 -6.83 -32.26 32.60
CA THR B 196 -6.87 -33.31 31.59
C THR B 196 -8.29 -33.30 31.02
N CYS B 197 -8.41 -33.18 29.70
CA CYS B 197 -9.74 -33.12 29.09
C CYS B 197 -9.82 -33.91 27.79
N SER B 198 -11.05 -34.37 27.47
CA SER B 198 -11.38 -35.20 26.32
C SER B 198 -12.90 -35.13 26.11
N GLU B 199 -13.45 -35.97 25.23
CA GLU B 199 -14.89 -36.03 24.99
C GLU B 199 -15.64 -36.54 26.26
N THR B 200 -14.96 -37.38 27.08
CA THR B 200 -15.59 -37.95 28.28
C THR B 200 -15.16 -37.31 29.60
N GLU B 201 -14.20 -36.38 29.58
CA GLU B 201 -13.66 -35.76 30.78
C GLU B 201 -13.43 -34.25 30.55
N ASN B 202 -14.21 -33.38 31.25
CA ASN B 202 -14.19 -31.92 31.08
C ASN B 202 -14.39 -31.59 29.55
N PRO B 203 -15.46 -32.12 28.89
CA PRO B 203 -15.62 -31.89 27.43
C PRO B 203 -15.72 -30.43 27.00
N ASP B 204 -16.32 -29.56 27.86
CA ASP B 204 -16.46 -28.12 27.55
C ASP B 204 -15.09 -27.51 27.31
N LEU B 205 -14.10 -27.82 28.19
CA LEU B 205 -12.74 -27.29 28.01
C LEU B 205 -12.07 -27.88 26.75
N PHE B 206 -12.16 -29.22 26.56
CA PHE B 206 -11.60 -29.94 25.43
C PHE B 206 -12.10 -29.39 24.09
N PHE B 207 -13.43 -29.37 23.89
CA PHE B 207 -14.04 -28.82 22.67
C PHE B 207 -13.83 -27.31 22.50
N GLY B 208 -13.74 -26.59 23.63
CA GLY B 208 -13.49 -25.16 23.64
C GLY B 208 -12.11 -24.82 23.10
N VAL B 209 -11.07 -25.51 23.65
CA VAL B 209 -9.66 -25.37 23.27
C VAL B 209 -9.44 -25.69 21.77
N LEU B 210 -10.09 -26.75 21.25
CA LEU B 210 -9.97 -27.19 19.85
C LEU B 210 -10.56 -26.15 18.93
N GLY B 211 -9.66 -25.51 18.17
CA GLY B 211 -9.99 -24.39 17.30
C GLY B 211 -10.30 -23.13 18.09
N GLY B 212 -9.99 -23.14 19.40
CA GLY B 212 -10.25 -22.07 20.36
C GLY B 212 -9.35 -20.86 20.37
N LEU B 213 -8.43 -20.74 19.40
CA LEU B 213 -7.53 -19.58 19.23
C LEU B 213 -6.72 -19.20 20.51
N GLY B 214 -6.31 -20.23 21.27
CA GLY B 214 -5.57 -20.10 22.54
C GLY B 214 -6.30 -19.37 23.65
N GLN B 215 -7.64 -19.11 23.46
CA GLN B 215 -8.44 -18.34 24.41
C GLN B 215 -8.69 -18.96 25.80
N PHE B 216 -8.67 -20.30 25.91
CA PHE B 216 -9.04 -20.99 27.13
C PHE B 216 -7.93 -21.69 27.89
N GLY B 217 -6.74 -21.69 27.32
CA GLY B 217 -5.59 -22.34 27.91
C GLY B 217 -4.49 -22.67 26.94
N ILE B 218 -3.35 -23.06 27.51
CA ILE B 218 -2.17 -23.49 26.77
C ILE B 218 -2.18 -25.02 26.78
N ILE B 219 -2.14 -25.62 25.58
CA ILE B 219 -2.05 -27.08 25.43
C ILE B 219 -0.60 -27.48 25.76
N THR B 220 -0.42 -28.29 26.82
CA THR B 220 0.90 -28.81 27.22
C THR B 220 1.04 -30.27 26.76
N ARG B 221 -0.08 -30.99 26.56
CA ARG B 221 -0.09 -32.38 26.05
C ARG B 221 -1.25 -32.57 25.09
N ALA B 222 -0.98 -33.27 23.99
CA ALA B 222 -1.99 -33.65 23.00
C ALA B 222 -1.80 -35.13 22.67
N ARG B 223 -2.89 -35.89 22.77
CA ARG B 223 -2.93 -37.32 22.46
C ARG B 223 -3.44 -37.45 21.01
N ILE B 224 -2.49 -37.61 20.07
CA ILE B 224 -2.71 -37.66 18.62
C ILE B 224 -3.04 -39.07 18.12
N ALA B 225 -4.12 -39.18 17.33
CA ALA B 225 -4.55 -40.43 16.66
C ALA B 225 -3.50 -40.78 15.60
N LEU B 226 -3.20 -42.08 15.46
CA LEU B 226 -2.20 -42.58 14.52
C LEU B 226 -2.74 -43.74 13.71
N GLU B 227 -2.19 -43.91 12.51
CA GLU B 227 -2.48 -45.01 11.62
C GLU B 227 -1.14 -45.61 11.22
N ARG B 228 -1.16 -46.83 10.65
CA ARG B 228 0.05 -47.44 10.12
C ARG B 228 0.40 -46.57 8.89
N ALA B 229 1.61 -46.05 8.85
CA ALA B 229 1.99 -45.13 7.78
C ALA B 229 2.21 -45.80 6.43
N PRO B 230 1.79 -45.16 5.31
CA PRO B 230 2.16 -45.70 3.99
C PRO B 230 3.67 -45.45 3.82
N LYS B 231 4.31 -46.23 2.96
CA LYS B 231 5.76 -46.05 2.74
C LYS B 231 6.04 -45.03 1.62
N ARG B 232 5.19 -45.03 0.58
CA ARG B 232 5.37 -44.20 -0.60
C ARG B 232 4.09 -43.51 -1.05
N VAL B 233 4.27 -42.51 -1.91
CA VAL B 233 3.19 -41.68 -2.43
C VAL B 233 3.34 -41.54 -3.95
N ARG B 234 2.22 -41.74 -4.67
CA ARG B 234 2.12 -41.41 -6.09
C ARG B 234 1.48 -40.00 -6.09
N TRP B 235 2.30 -38.96 -6.34
CA TRP B 235 1.95 -37.54 -6.31
C TRP B 235 1.63 -37.07 -7.73
N ILE B 236 0.36 -36.67 -7.95
CA ILE B 236 -0.18 -36.28 -9.24
C ILE B 236 -0.68 -34.81 -9.30
N ARG B 237 -0.43 -34.15 -10.47
CA ARG B 237 -0.90 -32.82 -10.81
C ARG B 237 -1.45 -32.84 -12.23
N ALA B 238 -2.61 -32.20 -12.42
CA ALA B 238 -3.29 -32.10 -13.71
C ALA B 238 -3.89 -30.70 -13.85
N LEU B 239 -3.93 -30.19 -15.10
CA LEU B 239 -4.38 -28.83 -15.39
C LEU B 239 -5.80 -28.73 -15.96
N TYR B 240 -6.47 -27.62 -15.62
CA TYR B 240 -7.82 -27.29 -16.06
C TYR B 240 -7.87 -25.82 -16.46
N SER B 241 -8.57 -25.53 -17.57
CA SER B 241 -8.82 -24.15 -18.01
C SER B 241 -10.28 -23.82 -17.62
N ASN B 242 -11.11 -24.85 -17.42
CA ASN B 242 -12.51 -24.70 -17.05
C ASN B 242 -12.75 -24.86 -15.54
N PHE B 243 -13.06 -23.74 -14.85
CA PHE B 243 -13.31 -23.72 -13.40
C PHE B 243 -14.48 -24.61 -12.96
N SER B 244 -15.57 -24.68 -13.77
CA SER B 244 -16.73 -25.53 -13.49
C SER B 244 -16.34 -26.99 -13.47
N GLU B 245 -15.45 -27.41 -14.42
CA GLU B 245 -14.98 -28.80 -14.53
C GLU B 245 -14.02 -29.12 -13.36
N PHE B 246 -13.11 -28.18 -13.06
CA PHE B 246 -12.14 -28.26 -11.97
C PHE B 246 -12.84 -28.46 -10.62
N THR B 247 -13.80 -27.56 -10.28
CA THR B 247 -14.57 -27.66 -9.03
C THR B 247 -15.42 -28.92 -8.98
N ALA B 248 -16.08 -29.31 -10.12
CA ALA B 248 -16.91 -30.52 -10.17
C ALA B 248 -16.05 -31.77 -9.88
N ASP B 249 -14.82 -31.82 -10.43
CA ASP B 249 -13.91 -32.95 -10.21
C ASP B 249 -13.41 -33.00 -8.75
N GLN B 250 -13.07 -31.82 -8.18
CA GLN B 250 -12.64 -31.73 -6.78
C GLN B 250 -13.80 -32.21 -5.84
N GLU B 251 -15.03 -31.75 -6.09
CA GLU B 251 -16.20 -32.14 -5.30
C GLU B 251 -16.51 -33.62 -5.44
N ARG B 252 -16.39 -34.18 -6.66
CA ARG B 252 -16.60 -35.61 -6.88
C ARG B 252 -15.55 -36.44 -6.09
N LEU B 253 -14.26 -36.07 -6.16
CA LEU B 253 -13.15 -36.74 -5.48
C LEU B 253 -13.30 -36.80 -3.96
N ILE B 254 -13.80 -35.71 -3.35
CA ILE B 254 -13.99 -35.66 -1.89
C ILE B 254 -15.25 -36.42 -1.41
N SER B 255 -16.11 -36.84 -2.33
CA SER B 255 -17.31 -37.61 -2.02
C SER B 255 -17.02 -39.13 -2.03
N LEU B 256 -15.83 -39.54 -2.52
CA LEU B 256 -15.41 -40.95 -2.68
C LEU B 256 -15.02 -41.65 -1.38
N GLY B 257 -15.32 -42.94 -1.31
CA GLY B 257 -15.02 -43.79 -0.15
C GLY B 257 -16.12 -43.79 0.89
N ARG B 262 -12.66 -46.89 -3.38
CA ARG B 262 -11.53 -46.41 -4.16
C ARG B 262 -11.53 -44.87 -4.18
N ARG B 263 -10.43 -44.27 -3.67
CA ARG B 263 -10.28 -42.81 -3.54
C ARG B 263 -8.82 -42.38 -3.52
N PHE B 264 -8.60 -41.05 -3.67
CA PHE B 264 -7.29 -40.48 -3.47
C PHE B 264 -7.17 -40.23 -1.96
N ASP B 265 -5.95 -40.18 -1.45
CA ASP B 265 -5.66 -39.97 -0.03
C ASP B 265 -5.45 -38.49 0.29
N TYR B 266 -5.35 -37.67 -0.76
CA TYR B 266 -5.06 -36.24 -0.65
C TYR B 266 -5.71 -35.53 -1.82
N VAL B 267 -6.47 -34.48 -1.52
CA VAL B 267 -7.15 -33.67 -2.53
C VAL B 267 -6.93 -32.19 -2.23
N GLU B 268 -6.16 -31.53 -3.10
CA GLU B 268 -5.91 -30.09 -3.08
C GLU B 268 -6.01 -29.55 -4.52
N GLY B 269 -5.80 -28.25 -4.65
CA GLY B 269 -5.80 -27.52 -5.91
C GLY B 269 -5.21 -26.14 -5.71
N PHE B 270 -4.79 -25.52 -6.80
CA PHE B 270 -4.23 -24.16 -6.78
C PHE B 270 -4.45 -23.43 -8.11
N VAL B 271 -4.48 -22.09 -8.02
CA VAL B 271 -4.70 -21.20 -9.16
C VAL B 271 -3.33 -20.90 -9.79
N VAL B 272 -3.24 -21.10 -11.10
CA VAL B 272 -2.00 -20.94 -11.88
C VAL B 272 -2.12 -19.72 -12.81
N ALA B 273 -1.07 -18.89 -12.86
CA ALA B 273 -1.00 -17.76 -13.78
C ALA B 273 -0.58 -18.32 -15.16
N ALA B 274 -1.34 -17.98 -16.21
CA ALA B 274 -1.07 -18.44 -17.59
C ALA B 274 0.11 -17.70 -18.21
N VAL B 303 -5.31 -17.61 -16.73
CA VAL B 303 -5.62 -18.29 -15.47
C VAL B 303 -5.97 -19.78 -15.69
N LEU B 304 -5.20 -20.68 -15.06
CA LEU B 304 -5.39 -22.13 -15.09
C LEU B 304 -5.57 -22.66 -13.65
N TYR B 305 -6.21 -23.82 -13.52
CA TYR B 305 -6.42 -24.45 -12.21
C TYR B 305 -5.71 -25.81 -12.17
N CYS B 306 -4.92 -26.01 -11.13
CA CYS B 306 -4.19 -27.25 -11.01
C CYS B 306 -4.81 -28.15 -9.96
N LEU B 307 -5.17 -29.37 -10.34
CA LEU B 307 -5.67 -30.37 -9.40
C LEU B 307 -4.45 -31.15 -8.85
N GLU B 308 -4.34 -31.26 -7.52
CA GLU B 308 -3.24 -31.99 -6.89
C GLU B 308 -3.79 -33.12 -6.04
N VAL B 309 -3.47 -34.36 -6.41
CA VAL B 309 -3.93 -35.57 -5.72
C VAL B 309 -2.79 -36.53 -5.41
N THR B 310 -2.99 -37.41 -4.41
CA THR B 310 -2.02 -38.46 -4.09
C THR B 310 -2.70 -39.80 -3.86
N LYS B 311 -1.94 -40.85 -4.11
CA LYS B 311 -2.35 -42.21 -3.80
C LYS B 311 -1.23 -42.79 -2.94
N ASN B 312 -1.54 -43.04 -1.67
CA ASN B 312 -0.62 -43.62 -0.70
C ASN B 312 -0.54 -45.12 -0.94
N TYR B 313 0.65 -45.69 -0.75
CA TYR B 313 0.85 -47.14 -0.91
C TYR B 313 2.02 -47.67 -0.08
N ASP B 314 2.06 -49.00 0.08
CA ASP B 314 3.09 -49.72 0.80
C ASP B 314 3.44 -50.99 0.02
N ASP B 315 4.29 -51.87 0.58
CA ASP B 315 4.71 -53.13 -0.05
C ASP B 315 3.53 -54.00 -0.49
N GLU B 316 2.46 -54.08 0.34
CA GLU B 316 1.24 -54.84 0.06
C GLU B 316 0.41 -54.29 -1.11
N THR B 317 0.24 -52.95 -1.20
CA THR B 317 -0.57 -52.29 -2.23
C THR B 317 0.22 -51.78 -3.45
N ALA B 318 1.56 -51.97 -3.48
CA ALA B 318 2.43 -51.53 -4.58
C ALA B 318 2.04 -52.10 -5.95
N GLY B 319 1.50 -53.33 -5.95
CA GLY B 319 1.06 -54.03 -7.16
C GLY B 319 -0.25 -53.56 -7.76
N SER B 320 -1.06 -52.80 -6.99
CA SER B 320 -2.37 -52.28 -7.44
C SER B 320 -2.41 -50.74 -7.58
N VAL B 321 -1.35 -50.05 -7.15
CA VAL B 321 -1.29 -48.58 -7.19
C VAL B 321 -1.47 -47.95 -8.59
N ASP B 322 -0.78 -48.50 -9.62
CA ASP B 322 -0.85 -48.00 -11.00
C ASP B 322 -2.26 -48.09 -11.58
N GLN B 323 -2.96 -49.21 -11.35
CA GLN B 323 -4.34 -49.45 -11.80
C GLN B 323 -5.31 -48.55 -11.03
N ASP B 324 -5.11 -48.41 -9.70
CA ASP B 324 -5.94 -47.56 -8.84
C ASP B 324 -5.89 -46.10 -9.30
N VAL B 325 -4.69 -45.60 -9.61
CA VAL B 325 -4.45 -44.24 -10.10
C VAL B 325 -5.13 -44.05 -11.48
N ASP B 326 -4.84 -44.95 -12.45
CA ASP B 326 -5.41 -44.91 -13.80
C ASP B 326 -6.94 -44.92 -13.84
N THR B 327 -7.57 -45.76 -12.98
CA THR B 327 -9.03 -45.88 -12.85
C THR B 327 -9.62 -44.56 -12.35
N LEU B 328 -9.04 -43.99 -11.28
CA LEU B 328 -9.49 -42.72 -10.72
C LEU B 328 -9.30 -41.55 -11.70
N LEU B 329 -8.14 -41.47 -12.38
CA LEU B 329 -7.86 -40.40 -13.35
C LEU B 329 -8.76 -40.46 -14.60
N GLY B 330 -9.09 -41.67 -15.05
CA GLY B 330 -9.94 -41.90 -16.23
C GLY B 330 -11.32 -41.30 -16.10
N GLU B 331 -11.80 -41.15 -14.86
CA GLU B 331 -13.11 -40.58 -14.52
C GLU B 331 -13.08 -39.03 -14.41
N LEU B 332 -11.87 -38.42 -14.50
CA LEU B 332 -11.69 -36.96 -14.40
C LEU B 332 -11.72 -36.22 -15.74
N ASN B 333 -11.94 -34.89 -15.67
CA ASN B 333 -12.06 -34.03 -16.84
C ASN B 333 -10.92 -33.03 -17.04
N PHE B 334 -9.71 -33.35 -16.53
CA PHE B 334 -8.53 -32.48 -16.71
C PHE B 334 -8.16 -32.38 -18.20
N LEU B 335 -7.38 -31.35 -18.57
CA LEU B 335 -6.90 -31.14 -19.94
C LEU B 335 -5.94 -32.28 -20.35
N PRO B 336 -6.23 -32.98 -21.47
CA PRO B 336 -5.35 -34.09 -21.90
C PRO B 336 -3.90 -33.67 -22.09
N GLY B 337 -2.98 -34.54 -21.66
CA GLY B 337 -1.54 -34.28 -21.76
C GLY B 337 -0.98 -33.37 -20.69
N THR B 338 -1.78 -33.05 -19.65
CA THR B 338 -1.32 -32.15 -18.57
C THR B 338 -1.07 -32.90 -17.24
N VAL B 339 -1.08 -34.24 -17.25
CA VAL B 339 -0.82 -35.04 -16.05
C VAL B 339 0.68 -35.15 -15.81
N PHE B 340 1.13 -34.67 -14.64
CA PHE B 340 2.51 -34.73 -14.16
C PHE B 340 2.49 -35.66 -12.94
N THR B 341 3.43 -36.62 -12.90
CA THR B 341 3.49 -37.62 -11.84
C THR B 341 4.89 -37.73 -11.22
N THR B 342 4.91 -37.88 -9.89
CA THR B 342 6.10 -38.05 -9.04
C THR B 342 5.83 -39.23 -8.08
N ASP B 343 6.85 -40.08 -7.89
CA ASP B 343 6.81 -41.20 -6.96
C ASP B 343 7.94 -40.95 -5.94
N LEU B 344 7.57 -40.88 -4.65
CA LEU B 344 8.53 -40.52 -3.60
C LEU B 344 8.15 -41.09 -2.22
N PRO B 345 9.10 -41.20 -1.26
CA PRO B 345 8.72 -41.65 0.09
C PRO B 345 7.71 -40.70 0.75
N TYR B 346 6.88 -41.25 1.63
CA TYR B 346 5.83 -40.55 2.37
C TYR B 346 6.34 -39.32 3.12
N VAL B 347 7.48 -39.45 3.84
CA VAL B 347 8.10 -38.32 4.57
C VAL B 347 8.46 -37.19 3.63
N ASP B 348 9.04 -37.51 2.46
CA ASP B 348 9.44 -36.51 1.48
C ASP B 348 8.25 -35.74 0.92
N PHE B 349 7.11 -36.45 0.65
CA PHE B 349 5.90 -35.76 0.18
C PHE B 349 5.39 -34.80 1.28
N LEU B 350 5.21 -35.31 2.52
CA LEU B 350 4.71 -34.54 3.66
C LEU B 350 5.59 -33.32 3.99
N ASP B 351 6.92 -33.43 3.74
CA ASP B 351 7.86 -32.34 4.00
C ASP B 351 8.18 -31.42 2.80
N ARG B 352 7.43 -31.57 1.67
CA ARG B 352 7.59 -30.78 0.44
C ARG B 352 7.76 -29.25 0.64
N VAL B 353 6.96 -28.63 1.55
CA VAL B 353 7.01 -27.18 1.81
C VAL B 353 8.32 -26.74 2.47
N HIS B 354 8.85 -27.57 3.39
CA HIS B 354 10.15 -27.29 4.02
C HIS B 354 11.28 -27.27 2.95
N LYS B 355 11.20 -28.16 1.94
CA LYS B 355 12.16 -28.20 0.82
C LYS B 355 12.11 -26.87 0.04
N ALA B 356 10.89 -26.34 -0.21
CA ALA B 356 10.67 -25.06 -0.86
C ALA B 356 11.21 -23.91 0.01
N GLU B 357 11.01 -23.99 1.35
CA GLU B 357 11.49 -23.00 2.33
C GLU B 357 13.02 -22.85 2.27
N LEU B 358 13.77 -23.98 2.25
CA LEU B 358 15.23 -23.96 2.20
C LEU B 358 15.75 -23.20 0.97
N LYS B 359 15.08 -23.37 -0.19
CA LYS B 359 15.40 -22.67 -1.44
C LYS B 359 15.11 -21.18 -1.31
N LEU B 360 13.95 -20.82 -0.70
CA LEU B 360 13.53 -19.44 -0.50
C LEU B 360 14.45 -18.70 0.47
N ARG B 361 14.87 -19.37 1.56
CA ARG B 361 15.80 -18.80 2.55
C ARG B 361 17.15 -18.46 1.88
N ALA B 362 17.63 -19.34 0.95
CA ALA B 362 18.87 -19.20 0.18
C ALA B 362 18.84 -17.96 -0.74
N LYS B 363 17.63 -17.55 -1.19
CA LYS B 363 17.39 -16.39 -2.06
C LYS B 363 16.88 -15.14 -1.28
N GLY B 364 16.86 -15.22 0.05
CA GLY B 364 16.37 -14.16 0.94
C GLY B 364 14.90 -13.82 0.72
N MET B 365 14.11 -14.82 0.27
CA MET B 365 12.69 -14.67 -0.08
C MET B 365 11.72 -15.36 0.90
N TRP B 366 12.24 -15.82 2.05
CA TRP B 366 11.41 -16.46 3.07
C TRP B 366 11.01 -15.45 4.13
N GLU B 367 12.00 -14.74 4.72
CA GLU B 367 11.76 -13.75 5.76
C GLU B 367 11.37 -12.37 5.17
N VAL B 368 10.18 -12.35 4.56
CA VAL B 368 9.55 -11.20 3.91
C VAL B 368 8.11 -11.10 4.47
N PRO B 369 7.40 -9.94 4.39
CA PRO B 369 6.01 -9.91 4.88
C PRO B 369 5.10 -10.88 4.11
N HIS B 370 4.19 -11.54 4.84
CA HIS B 370 3.22 -12.47 4.29
C HIS B 370 1.79 -12.03 4.64
N PRO B 371 1.19 -11.16 3.81
CA PRO B 371 -0.20 -10.73 4.10
C PRO B 371 -1.19 -11.81 3.62
N TRP B 372 -1.15 -12.95 4.31
CA TRP B 372 -1.96 -14.11 3.96
C TRP B 372 -3.41 -13.96 4.37
N LEU B 373 -4.33 -14.34 3.45
CA LEU B 373 -5.76 -14.30 3.74
C LEU B 373 -6.34 -15.69 3.46
N ASN B 374 -6.98 -16.28 4.47
CA ASN B 374 -7.59 -17.62 4.35
C ASN B 374 -9.08 -17.58 4.58
N LEU B 375 -9.84 -18.08 3.60
CA LEU B 375 -11.29 -18.11 3.65
C LEU B 375 -11.86 -19.50 3.44
N PHE B 376 -12.92 -19.76 4.16
CA PHE B 376 -13.76 -20.93 4.00
C PHE B 376 -14.99 -20.38 3.26
N VAL B 377 -15.16 -20.83 2.00
CA VAL B 377 -16.21 -20.38 1.09
C VAL B 377 -17.22 -21.51 0.87
N PRO B 378 -18.52 -21.24 1.14
CA PRO B 378 -19.55 -22.27 0.86
C PRO B 378 -19.51 -22.67 -0.63
N ALA B 379 -19.56 -24.01 -0.91
CA ALA B 379 -19.52 -24.53 -2.29
C ALA B 379 -20.58 -23.90 -3.20
N SER B 380 -21.77 -23.56 -2.66
CA SER B 380 -22.86 -22.91 -3.42
C SER B 380 -22.45 -21.54 -4.01
N ARG B 381 -21.37 -20.92 -3.49
CA ARG B 381 -20.88 -19.61 -3.92
C ARG B 381 -19.48 -19.62 -4.54
N ILE B 382 -18.90 -20.82 -4.75
CA ILE B 382 -17.55 -20.94 -5.31
C ILE B 382 -17.44 -20.44 -6.78
N ALA B 383 -18.50 -20.65 -7.61
CA ALA B 383 -18.52 -20.24 -9.03
C ALA B 383 -18.35 -18.71 -9.15
N ASP B 384 -19.13 -17.94 -8.35
CA ASP B 384 -19.13 -16.47 -8.30
C ASP B 384 -17.79 -15.99 -7.77
N PHE B 385 -17.20 -16.73 -6.81
CA PHE B 385 -15.90 -16.39 -6.23
C PHE B 385 -14.85 -16.26 -7.34
N ASP B 386 -14.85 -17.20 -8.29
CA ASP B 386 -13.93 -17.26 -9.43
C ASP B 386 -13.85 -16.09 -10.45
N ARG B 387 -14.94 -15.71 -11.17
CA ARG B 387 -14.77 -14.61 -12.16
C ARG B 387 -14.59 -13.28 -11.44
N GLY B 388 -15.19 -13.17 -10.25
CA GLY B 388 -15.08 -12.01 -9.39
C GLY B 388 -13.72 -11.82 -8.73
N VAL B 389 -13.03 -12.92 -8.36
CA VAL B 389 -11.74 -12.85 -7.64
C VAL B 389 -10.55 -13.24 -8.47
N PHE B 390 -10.51 -14.51 -8.94
CA PHE B 390 -9.36 -15.04 -9.69
C PHE B 390 -9.19 -14.34 -11.05
N ARG B 391 -10.30 -13.99 -11.71
CA ARG B 391 -10.31 -13.27 -12.98
C ARG B 391 -10.41 -11.75 -12.74
N GLY B 392 -11.24 -11.37 -11.76
CA GLY B 392 -11.53 -9.98 -11.39
C GLY B 392 -10.47 -9.26 -10.58
N VAL B 393 -10.57 -9.35 -9.23
CA VAL B 393 -9.68 -8.70 -8.25
C VAL B 393 -8.17 -9.00 -8.49
N LEU B 394 -7.80 -10.28 -8.64
CA LEU B 394 -6.40 -10.68 -8.87
C LEU B 394 -5.92 -10.44 -10.31
N GLY B 395 -6.86 -10.36 -11.25
CA GLY B 395 -6.57 -10.14 -12.66
C GLY B 395 -6.55 -11.41 -13.48
N GLY B 403 3.51 -15.62 -4.72
CA GLY B 403 2.98 -16.69 -3.88
C GLY B 403 1.75 -17.45 -4.42
N PRO B 404 1.46 -18.65 -3.87
CA PRO B 404 0.32 -19.42 -4.40
C PRO B 404 -1.07 -19.03 -3.90
N VAL B 405 -2.10 -19.45 -4.65
CA VAL B 405 -3.50 -19.35 -4.29
C VAL B 405 -4.06 -20.78 -4.20
N LEU B 406 -4.28 -21.31 -2.98
CA LEU B 406 -4.81 -22.68 -2.80
C LEU B 406 -6.33 -22.67 -2.85
N ILE B 407 -6.88 -23.76 -3.38
CA ILE B 407 -8.32 -23.95 -3.47
C ILE B 407 -8.65 -25.44 -3.45
N TYR B 408 -9.42 -25.86 -2.45
CA TYR B 408 -9.90 -27.25 -2.36
C TYR B 408 -11.11 -27.38 -1.44
N PRO B 409 -12.06 -28.26 -1.77
CA PRO B 409 -13.24 -28.43 -0.91
C PRO B 409 -13.02 -29.45 0.22
N MET B 410 -13.87 -29.36 1.24
CA MET B 410 -13.85 -30.21 2.45
C MET B 410 -15.28 -30.60 2.83
N ASN B 411 -15.40 -31.67 3.63
CA ASN B 411 -16.68 -32.19 4.13
C ASN B 411 -16.90 -31.76 5.57
N LYS B 412 -17.92 -30.91 5.79
CA LYS B 412 -18.28 -30.41 7.12
C LYS B 412 -18.58 -31.54 8.15
N HIS B 413 -19.15 -32.70 7.70
CA HIS B 413 -19.46 -33.80 8.62
C HIS B 413 -18.22 -34.37 9.35
N LYS B 414 -16.99 -34.13 8.81
CA LYS B 414 -15.73 -34.54 9.42
C LYS B 414 -15.23 -33.55 10.49
N TRP B 415 -15.99 -32.46 10.72
CA TRP B 415 -15.69 -31.42 11.70
C TRP B 415 -16.70 -31.53 12.83
N ASP B 416 -16.23 -31.72 14.07
CA ASP B 416 -17.14 -31.83 15.20
C ASP B 416 -17.77 -30.44 15.51
N PRO B 417 -19.13 -30.29 15.43
CA PRO B 417 -19.75 -28.99 15.72
C PRO B 417 -19.58 -28.48 17.17
N ARG B 418 -19.10 -29.35 18.10
CA ARG B 418 -18.90 -28.95 19.49
C ARG B 418 -17.64 -28.11 19.67
N SER B 419 -16.69 -28.15 18.69
CA SER B 419 -15.45 -27.37 18.78
C SER B 419 -15.69 -25.84 18.60
N SER B 420 -14.66 -25.05 18.91
CA SER B 420 -14.69 -23.60 18.68
C SER B 420 -14.49 -23.26 17.18
N ALA B 421 -14.08 -24.23 16.33
CA ALA B 421 -13.85 -23.99 14.90
C ALA B 421 -15.11 -23.40 14.21
N VAL B 422 -14.91 -22.38 13.37
CA VAL B 422 -15.99 -21.68 12.64
C VAL B 422 -15.94 -22.04 11.16
N THR B 423 -16.98 -22.77 10.70
CA THR B 423 -17.05 -23.13 9.29
C THR B 423 -18.33 -22.54 8.68
N PRO B 424 -18.43 -22.38 7.33
CA PRO B 424 -19.70 -21.92 6.75
C PRO B 424 -20.78 -22.98 7.00
N ASP B 425 -22.04 -22.52 7.02
CA ASP B 425 -23.23 -23.34 7.25
C ASP B 425 -23.65 -24.16 6.00
N GLU B 426 -22.72 -24.96 5.46
CA GLU B 426 -22.94 -25.80 4.29
C GLU B 426 -22.10 -27.06 4.41
N GLU B 427 -22.65 -28.19 3.92
CA GLU B 427 -22.00 -29.50 3.97
C GLU B 427 -20.65 -29.55 3.25
N VAL B 428 -20.55 -28.88 2.10
CA VAL B 428 -19.28 -28.79 1.37
C VAL B 428 -18.86 -27.30 1.35
N PHE B 429 -17.63 -27.03 1.77
CA PHE B 429 -17.04 -25.69 1.73
C PHE B 429 -15.59 -25.81 1.27
N TYR B 430 -15.06 -24.72 0.71
CA TYR B 430 -13.69 -24.67 0.21
C TYR B 430 -12.77 -23.84 1.06
N LEU B 431 -11.53 -24.29 1.19
CA LEU B 431 -10.50 -23.43 1.70
C LEU B 431 -10.06 -22.65 0.43
N VAL B 432 -9.98 -21.31 0.52
CA VAL B 432 -9.42 -20.45 -0.51
C VAL B 432 -8.30 -19.72 0.22
N ALA B 433 -7.04 -20.09 -0.06
CA ALA B 433 -5.87 -19.55 0.63
C ALA B 433 -5.03 -18.63 -0.29
N PHE B 434 -5.01 -17.33 0.02
CA PHE B 434 -4.23 -16.33 -0.71
C PHE B 434 -2.89 -16.23 0.02
N LEU B 435 -1.89 -16.97 -0.48
CA LEU B 435 -0.58 -17.10 0.15
C LEU B 435 0.47 -16.23 -0.52
N ARG B 436 0.19 -14.93 -0.50
CA ARG B 436 0.98 -13.88 -1.12
C ARG B 436 2.22 -13.54 -0.33
N SER B 437 3.30 -13.22 -1.05
CA SER B 437 4.53 -12.75 -0.46
C SER B 437 4.77 -11.35 -1.00
N ALA B 438 5.02 -10.39 -0.10
CA ALA B 438 5.39 -9.04 -0.48
C ALA B 438 6.85 -9.05 -0.97
N LEU B 439 7.22 -8.07 -1.81
CA LEU B 439 8.60 -7.94 -2.31
C LEU B 439 9.53 -7.60 -1.15
N PRO B 440 10.74 -8.23 -1.07
CA PRO B 440 11.62 -7.95 0.09
C PRO B 440 12.03 -6.49 0.18
N GLY B 441 12.02 -5.97 1.41
CA GLY B 441 12.36 -4.58 1.75
C GLY B 441 11.54 -3.52 1.05
N ALA B 442 10.32 -3.89 0.55
CA ALA B 442 9.44 -3.00 -0.20
C ALA B 442 8.09 -2.85 0.49
N PRO B 443 7.97 -1.88 1.43
CA PRO B 443 6.68 -1.66 2.13
C PRO B 443 5.44 -1.42 1.26
N GLU B 444 5.60 -0.78 0.08
CA GLU B 444 4.48 -0.50 -0.84
C GLU B 444 3.87 -1.79 -1.44
N SER B 445 4.69 -2.86 -1.52
CA SER B 445 4.27 -4.16 -2.05
C SER B 445 3.29 -4.80 -1.05
N LEU B 446 3.64 -4.74 0.25
CA LEU B 446 2.80 -5.22 1.35
C LEU B 446 1.44 -4.47 1.35
N GLU B 447 1.50 -3.12 1.23
CA GLU B 447 0.32 -2.23 1.20
C GLU B 447 -0.62 -2.54 0.03
N ALA B 448 -0.06 -2.77 -1.19
CA ALA B 448 -0.88 -3.09 -2.35
C ALA B 448 -1.55 -4.46 -2.16
N LEU B 449 -0.81 -5.44 -1.60
CA LEU B 449 -1.35 -6.78 -1.31
C LEU B 449 -2.45 -6.72 -0.25
N ALA B 450 -2.27 -5.87 0.78
CA ALA B 450 -3.27 -5.67 1.85
C ALA B 450 -4.56 -5.06 1.25
N ARG B 451 -4.42 -4.13 0.26
CA ARG B 451 -5.59 -3.54 -0.41
C ARG B 451 -6.34 -4.61 -1.21
N GLN B 452 -5.59 -5.51 -1.89
CA GLN B 452 -6.17 -6.65 -2.64
C GLN B 452 -6.99 -7.55 -1.70
N ASN B 453 -6.44 -7.85 -0.49
CA ASN B 453 -7.13 -8.66 0.53
C ASN B 453 -8.47 -8.01 0.93
N GLN B 454 -8.45 -6.68 1.20
CA GLN B 454 -9.66 -5.94 1.55
C GLN B 454 -10.72 -5.97 0.42
N ARG B 455 -10.29 -5.88 -0.86
CA ARG B 455 -11.19 -5.95 -2.02
C ARG B 455 -11.87 -7.33 -2.08
N ILE B 456 -11.12 -8.41 -1.71
CA ILE B 456 -11.66 -9.79 -1.65
C ILE B 456 -12.77 -9.88 -0.58
N LEU B 457 -12.52 -9.31 0.63
CA LEU B 457 -13.49 -9.27 1.72
C LEU B 457 -14.72 -8.44 1.32
N ASP B 458 -14.49 -7.27 0.66
CA ASP B 458 -15.53 -6.37 0.17
C ASP B 458 -16.43 -7.10 -0.85
N PHE B 459 -15.80 -7.88 -1.77
CA PHE B 459 -16.50 -8.70 -2.77
C PHE B 459 -17.43 -9.72 -2.09
N CYS B 460 -16.92 -10.45 -1.07
CA CYS B 460 -17.68 -11.44 -0.31
C CYS B 460 -18.88 -10.79 0.39
N ALA B 461 -18.63 -9.63 1.06
CA ALA B 461 -19.65 -8.84 1.77
C ALA B 461 -20.72 -8.32 0.81
N GLY B 462 -20.27 -7.69 -0.29
CA GLY B 462 -21.10 -7.09 -1.33
C GLY B 462 -22.01 -8.05 -2.08
N THR B 463 -21.60 -9.32 -2.21
CA THR B 463 -22.41 -10.32 -2.91
C THR B 463 -23.09 -11.31 -1.96
N GLY B 464 -22.94 -11.07 -0.65
CA GLY B 464 -23.54 -11.92 0.38
C GLY B 464 -22.99 -13.34 0.44
N ILE B 465 -21.71 -13.52 0.13
CA ILE B 465 -21.08 -14.84 0.23
C ILE B 465 -20.84 -15.06 1.74
N GLY B 466 -21.46 -16.09 2.30
CA GLY B 466 -21.33 -16.44 3.72
C GLY B 466 -20.00 -17.07 4.06
N ALA B 467 -18.89 -16.46 3.60
CA ALA B 467 -17.53 -16.93 3.86
C ALA B 467 -17.14 -16.65 5.33
N LYS B 468 -16.24 -17.48 5.85
CA LYS B 468 -15.72 -17.35 7.21
C LYS B 468 -14.22 -17.37 7.10
N GLN B 469 -13.56 -16.44 7.78
CA GLN B 469 -12.12 -16.40 7.72
C GLN B 469 -11.57 -17.53 8.61
N TYR B 470 -10.58 -18.27 8.09
CA TYR B 470 -9.77 -19.26 8.81
C TYR B 470 -8.53 -18.46 9.30
N LEU B 471 -8.08 -18.69 10.55
CA LEU B 471 -6.99 -17.92 11.23
C LEU B 471 -7.46 -16.43 11.24
N PRO B 472 -8.67 -16.13 11.79
CA PRO B 472 -9.23 -14.77 11.67
C PRO B 472 -8.40 -13.67 12.32
N GLY B 473 -8.30 -12.55 11.61
CA GLY B 473 -7.59 -11.35 12.05
C GLY B 473 -8.50 -10.16 12.24
N HIS B 474 -9.74 -10.39 12.74
CA HIS B 474 -10.79 -9.38 12.97
C HIS B 474 -10.44 -8.17 13.87
N LYS B 475 -10.32 -8.39 15.20
CA LYS B 475 -10.10 -7.40 16.28
C LYS B 475 -11.36 -6.67 16.84
N ALA B 476 -12.28 -6.17 15.98
CA ALA B 476 -13.49 -5.46 16.46
C ALA B 476 -14.56 -6.40 17.01
N ARG B 477 -15.16 -6.03 18.17
CA ARG B 477 -16.16 -6.82 18.88
C ARG B 477 -17.36 -7.25 18.06
N HIS B 478 -17.95 -6.31 17.27
CA HIS B 478 -19.10 -6.67 16.42
C HIS B 478 -18.66 -7.60 15.26
N GLU B 479 -17.38 -7.47 14.79
CA GLU B 479 -16.80 -8.34 13.76
C GLU B 479 -16.66 -9.78 14.28
N TRP B 480 -16.24 -9.97 15.55
CA TRP B 480 -16.13 -11.29 16.18
C TRP B 480 -17.51 -11.90 16.39
N ALA B 481 -18.49 -11.05 16.74
CA ALA B 481 -19.89 -11.46 16.94
C ALA B 481 -20.44 -12.00 15.63
N GLU B 482 -20.16 -11.29 14.51
CA GLU B 482 -20.56 -11.65 13.14
C GLU B 482 -19.84 -12.95 12.69
N HIS B 483 -18.53 -13.05 12.96
CA HIS B 483 -17.71 -14.23 12.63
C HIS B 483 -18.30 -15.50 13.28
N PHE B 484 -18.49 -15.48 14.60
CA PHE B 484 -19.04 -16.63 15.32
C PHE B 484 -20.53 -16.88 15.09
N GLY B 485 -21.31 -15.79 15.05
CA GLY B 485 -22.76 -15.87 15.02
C GLY B 485 -23.21 -15.92 16.47
N ALA B 486 -24.47 -15.55 16.75
CA ALA B 486 -25.01 -15.45 18.11
C ALA B 486 -24.77 -16.65 19.03
N ALA B 487 -25.22 -17.86 18.65
CA ALA B 487 -25.07 -19.09 19.45
C ALA B 487 -23.59 -19.41 19.79
N ARG B 488 -22.71 -19.46 18.76
CA ARG B 488 -21.28 -19.73 18.94
C ARG B 488 -20.58 -18.66 19.75
N TRP B 489 -20.94 -17.37 19.53
CA TRP B 489 -20.37 -16.26 20.29
C TRP B 489 -20.69 -16.40 21.78
N ASP B 490 -21.97 -16.69 22.10
CA ASP B 490 -22.41 -16.88 23.47
C ASP B 490 -21.62 -18.01 24.17
N ARG B 491 -21.47 -19.16 23.47
CA ARG B 491 -20.70 -20.32 23.95
C ARG B 491 -19.21 -19.95 24.19
N PHE B 492 -18.59 -19.20 23.24
CA PHE B 492 -17.20 -18.72 23.30
C PHE B 492 -16.95 -17.77 24.49
N ALA B 493 -17.86 -16.79 24.69
CA ALA B 493 -17.80 -15.81 25.80
C ALA B 493 -17.94 -16.49 27.17
N ARG B 494 -18.83 -17.49 27.28
CA ARG B 494 -19.05 -18.25 28.52
C ARG B 494 -17.82 -19.08 28.85
N LEU B 495 -17.17 -19.66 27.82
CA LEU B 495 -15.94 -20.43 28.01
C LEU B 495 -14.81 -19.51 28.50
N LYS B 496 -14.73 -18.29 27.97
CA LYS B 496 -13.73 -17.29 28.36
C LYS B 496 -13.92 -16.89 29.84
N ALA B 497 -15.18 -16.61 30.26
CA ALA B 497 -15.52 -16.24 31.65
C ALA B 497 -15.13 -17.34 32.64
N GLU B 498 -15.29 -18.62 32.22
CA GLU B 498 -14.97 -19.80 33.00
C GLU B 498 -13.46 -20.04 33.11
N PHE B 499 -12.77 -20.08 31.95
CA PHE B 499 -11.37 -20.49 31.83
C PHE B 499 -10.26 -19.44 31.80
N ASP B 500 -10.56 -18.22 31.32
CA ASP B 500 -9.61 -17.09 31.28
C ASP B 500 -10.36 -15.77 31.61
N PRO B 501 -10.95 -15.65 32.83
CA PRO B 501 -11.72 -14.43 33.16
C PRO B 501 -10.97 -13.11 33.10
N ARG B 502 -9.65 -13.13 33.29
CA ARG B 502 -8.81 -11.93 33.24
C ARG B 502 -8.29 -11.61 31.82
N ALA B 503 -8.64 -12.46 30.83
CA ALA B 503 -8.21 -12.34 29.42
C ALA B 503 -6.67 -12.26 29.28
N ILE B 504 -5.97 -13.06 30.10
CA ILE B 504 -4.50 -13.19 30.13
C ILE B 504 -3.98 -13.83 28.82
N LEU B 505 -4.63 -14.92 28.40
CA LEU B 505 -4.20 -15.75 27.28
C LEU B 505 -4.52 -15.33 25.87
N ALA B 506 -3.48 -15.41 25.00
CA ALA B 506 -3.57 -15.16 23.56
C ALA B 506 -4.33 -13.85 23.25
N ALA B 507 -3.96 -12.76 23.99
CA ALA B 507 -4.56 -11.44 23.85
C ALA B 507 -4.27 -10.84 22.46
N GLY B 508 -3.20 -11.30 21.80
CA GLY B 508 -2.82 -10.90 20.43
C GLY B 508 -3.87 -11.25 19.38
N GLN B 509 -4.78 -12.19 19.69
CA GLN B 509 -5.91 -12.55 18.81
C GLN B 509 -6.93 -11.38 18.77
N GLY B 510 -6.88 -10.51 19.78
CA GLY B 510 -7.72 -9.31 19.89
C GLY B 510 -9.21 -9.56 20.02
N ILE B 511 -9.61 -10.56 20.81
CA ILE B 511 -11.03 -10.89 21.02
C ILE B 511 -11.55 -10.26 22.32
N PHE B 512 -10.84 -10.50 23.43
CA PHE B 512 -11.25 -10.01 24.75
C PHE B 512 -10.22 -9.04 25.37
N ARG B 513 -10.67 -8.24 26.34
CA ARG B 513 -9.88 -7.27 27.11
C ARG B 513 -10.10 -7.53 28.64
N PRO B 514 -9.16 -7.19 29.56
CA PRO B 514 -9.39 -7.49 31.00
C PRO B 514 -10.64 -6.88 31.63
PA FAD C . -4.14 26.75 -5.04
O1A FAD C . -3.65 27.94 -5.77
O2A FAD C . -4.89 26.95 -3.72
O5B FAD C . -5.10 25.86 -5.93
C5B FAD C . -4.67 25.54 -7.28
C4B FAD C . -5.65 24.63 -7.96
O4B FAD C . -5.50 23.27 -7.47
C3B FAD C . -7.12 24.97 -7.76
O3B FAD C . -7.92 24.63 -8.89
C2B FAD C . -7.47 24.16 -6.49
O2B FAD C . -8.86 23.95 -6.31
C1B FAD C . -6.64 22.89 -6.73
N9A FAD C . -6.18 22.17 -5.54
C8A FAD C . -5.58 22.69 -4.41
N7A FAD C . -5.18 21.78 -3.57
C5A FAD C . -5.55 20.58 -4.15
C6A FAD C . -5.48 19.23 -3.72
N6A FAD C . -5.00 18.87 -2.53
N1A FAD C . -5.96 18.28 -4.54
C2A FAD C . -6.49 18.64 -5.72
N3A FAD C . -6.65 19.87 -6.21
C4A FAD C . -6.16 20.81 -5.37
N1 FAD C . 4.55 27.06 -10.14
C2 FAD C . 5.57 26.31 -10.64
O2 FAD C . 5.36 25.23 -11.20
N3 FAD C . 6.89 26.72 -10.45
C4 FAD C . 7.29 27.82 -9.71
O4 FAD C . 8.49 28.10 -9.64
C4X FAD C . 6.18 28.58 -9.12
N5 FAD C . 6.48 29.63 -8.37
C5X FAD C . 5.43 30.33 -7.80
C6 FAD C . 5.72 31.42 -6.98
C7 FAD C . 4.72 32.16 -6.37
C7M FAD C . 5.10 33.30 -5.45
C8 FAD C . 3.37 31.82 -6.59
C8M FAD C . 2.24 32.62 -5.98
C9 FAD C . 3.07 30.74 -7.41
C9A FAD C . 4.08 29.98 -8.02
N10 FAD C . 3.81 28.86 -8.87
C10 FAD C . 4.84 28.13 -9.41
C1' FAD C . 2.41 28.56 -9.25
C2' FAD C . 1.78 27.45 -8.40
O2' FAD C . 2.37 26.18 -8.68
C3' FAD C . 0.26 27.37 -8.62
O3' FAD C . -0.32 28.61 -8.22
C4' FAD C . -0.49 26.21 -7.96
O4' FAD C . -1.90 26.43 -8.05
C5' FAD C . -0.08 25.93 -6.52
O5' FAD C . -0.56 26.94 -5.62
P FAD C . -1.39 26.50 -4.26
O1P FAD C . -1.57 27.84 -3.59
O2P FAD C . -0.81 25.36 -3.53
O3P FAD C . -2.80 25.88 -4.65
CL7 245 D . 8.39 36.33 -6.67
C1 245 D . 8.11 31.94 -10.09
O1 245 D . 7.14 32.59 -9.67
N2 245 D . 9.46 32.22 -9.65
C3 245 D . 9.87 33.26 -8.86
C4 245 D . 11.25 33.54 -8.81
C5 245 D . 11.65 34.67 -8.07
N6 245 D . 10.78 35.46 -7.43
C7 245 D . 9.50 35.26 -7.49
C8 245 D . 8.99 34.17 -8.19
N9 245 D . 7.97 30.88 -10.99
C10 245 D . 6.76 30.43 -11.61
C11 245 D . 5.50 30.97 -11.33
C12 245 D . 4.36 30.45 -12.02
C13 245 D . 4.49 29.45 -13.01
C14 245 D . 5.76 28.92 -13.28
C15 245 D . 6.89 29.43 -12.62
S DMS E . 23.59 35.55 -7.00
O DMS E . 24.28 34.27 -6.84
C1 DMS E . 22.41 35.64 -5.68
C2 DMS E . 24.74 36.77 -6.42
S DMS F . -1.54 3.35 3.30
O DMS F . -0.66 4.28 2.60
C1 DMS F . -1.05 3.45 5.00
C2 DMS F . -3.09 4.19 3.42
S DMS G . 9.30 9.40 -17.30
O DMS G . 8.45 9.73 -18.45
C1 DMS G . 10.85 10.20 -17.63
C2 DMS G . 8.72 10.45 -16.00
PA FAD H . 1.76 -19.67 16.64
O1A FAD H . 1.64 -18.99 15.32
O2A FAD H . 3.03 -19.48 17.49
O5B FAD H . 0.54 -19.36 17.59
C5B FAD H . -0.80 -19.48 17.03
C4B FAD H . -1.83 -19.21 18.10
O4B FAD H . -1.94 -20.36 18.99
C3B FAD H . -1.55 -18.02 19.02
O3B FAD H . -2.75 -17.38 19.42
C2B FAD H . -0.76 -18.67 20.16
O2B FAD H . -0.75 -17.86 21.34
C1B FAD H . -1.50 -20.01 20.28
N9A FAD H . -0.73 -21.14 20.81
C8A FAD H . 0.49 -21.59 20.40
N7A FAD H . 0.87 -22.71 20.94
C5A FAD H . -0.17 -23.02 21.81
C6A FAD H . -0.39 -24.09 22.71
N6A FAD H . 0.50 -25.06 22.92
N1A FAD H . -1.58 -24.14 23.36
C2A FAD H . -2.46 -23.16 23.16
N3A FAD H . -2.36 -22.08 22.37
C4A FAD H . -1.18 -22.07 21.73
N1 FAD H . -2.48 -24.06 8.60
C2 FAD H . -3.24 -25.11 8.17
O2 FAD H . -4.22 -25.51 8.83
N3 FAD H . -2.86 -25.82 7.04
C4 FAD H . -1.71 -25.62 6.31
O4 FAD H . -1.50 -26.29 5.31
C4X FAD H . -0.87 -24.51 6.82
N5 FAD H . 0.27 -24.27 6.22
C5X FAD H . 1.06 -23.24 6.71
C6 FAD H . 2.28 -22.97 6.07
C7 FAD H . 3.12 -21.95 6.51
C7M FAD H . 4.45 -21.75 5.81
C8 FAD H . 2.73 -21.16 7.61
C8M FAD H . 3.60 -20.04 8.14
C9 FAD H . 1.51 -21.42 8.25
C9A FAD H . 0.67 -22.45 7.82
N10 FAD H . -0.59 -22.74 8.43
C10 FAD H . -1.36 -23.78 7.96
C1' FAD H . -1.13 -21.85 9.48
C2' FAD H . -0.84 -22.38 10.88
O2' FAD H . -1.61 -23.54 11.19
C3' FAD H . -1.06 -21.29 11.94
O3' FAD H . -0.11 -20.25 11.71
C4' FAD H . -1.03 -21.74 13.40
O4' FAD H . -1.18 -20.62 14.28
C5' FAD H . 0.14 -22.61 13.80
O5' FAD H . 1.43 -21.98 13.74
P FAD H . 2.39 -22.03 15.08
O1P FAD H . 3.61 -21.25 14.60
O2P FAD H . 2.59 -23.37 15.67
O3P FAD H . 1.74 -21.30 16.31
CL7 245 I . 4.78 -21.77 1.24
C1 245 I . -0.19 -23.35 3.09
O1 245 I . 0.41 -22.34 3.47
N2 245 I . 0.37 -24.26 2.09
C3 245 I . 1.54 -24.14 1.37
C4 245 I . 1.69 -24.90 0.22
C5 245 I . 2.84 -24.67 -0.58
N6 245 I . 3.78 -23.76 -0.25
C7 245 I . 3.61 -22.98 0.80
C8 245 I . 2.52 -23.14 1.63
N9 245 I . -1.49 -23.66 3.51
C10 245 I . -2.29 -22.95 4.46
C11 245 I . -1.86 -21.81 5.15
C12 245 I . -2.74 -21.18 6.06
C13 245 I . -4.07 -21.65 6.23
C14 245 I . -4.49 -22.79 5.55
C15 245 I . -3.62 -23.43 4.64
S DMS J . 4.51 -32.84 -9.27
O DMS J . 3.95 -34.18 -9.05
C1 DMS J . 5.78 -32.62 -8.07
C2 DMS J . 5.51 -32.98 -10.73
S DMS K . -16.60 -36.83 13.91
O DMS K . -15.25 -36.26 13.86
C1 DMS K . -17.69 -35.43 13.93
C2 DMS K . -16.91 -37.40 12.27
S DMS L . -0.87 -39.23 31.91
O DMS L . -1.06 -39.07 30.47
C1 DMS L . 0.70 -40.03 32.06
C2 DMS L . -0.42 -37.62 32.49
S DMS M . -14.16 -12.11 30.15
O DMS M . -15.27 -11.74 29.25
C1 DMS M . -12.97 -10.83 29.94
C2 DMS M . -14.74 -11.70 31.77
S DMS N . 9.54 -30.83 26.88
O DMS N . 8.81 -31.38 25.74
C1 DMS N . 9.62 -29.07 26.67
C2 DMS N . 8.43 -30.98 28.25
#